data_6BB8
#
_entry.id   6BB8
#
_cell.length_a   117.770
_cell.length_b   117.770
_cell.length_c   180.414
_cell.angle_alpha   90.000
_cell.angle_beta   90.000
_cell.angle_gamma   120.000
#
_symmetry.space_group_name_H-M   'P 31 2 1'
#
_entity_poly.entity_id   1
_entity_poly.type   'polypeptide(L)'
_entity_poly.pdbx_seq_one_letter_code
;MDDLFEVFEEQPRAQKKRKASPDVEMADGAAAAAPVANAAAAVTHPQAQAAPAPQKDNIDNNDNNNNNTTTSAVQPTIPN
GDAAAAADDVQSPQSPHGLGDNKRRKKTDEAEPIMTDAFQTAESREVTGAQGFAPTEGESIVLSHNIQHQVALPPDLDYE
YIPLSEHKPPAEPARTYSFKLDPFQALSVASIEREESVLVSAHTSAGKTVVAEYAIAQCLKKNQRVIYTSPIKALSNQKY
RDFQAEFGDVGLMTGDVTINPTASCLVMTTEILRSMLYRGSEIMREVAWVVFDEIHYMRDKIRGVVWEETIILLPDKVRY
VFLSATIPNAFQFAEWIAKIHRQACHVVYTDFRPTPLQNYFFPAGGKGILLIVDEKGNFKENNFNQAMAMIEEKKGTDSN
DWSAKQKGKGKNKKTNKGGEAADEKADIAKIIKMILKKNFQPVIVFNFSKRECEQMALASSSMKFNAPDEENMVNKVFEN
ALASLSEDDKNLPQISNILPLLRKGIGVHHSGLLPILKETIEILFQEGLIKVLFATETFSIGLNMPARTVVFTQVTKWDG
QQRRPLTSSEYIQMAGRAGRRGLDDRGIVIMMVDDKLEPETARAIVVGNQDKLNSAFHLGYNMVLNLLRIEAISPEYMLE
RCFFQFQNAASVPQLERELISLQQERDAIIIPDESIVKDYYGVRQQLEEYNKDMVFVIQHPQNCLGFFQEGRLIHIKSPS
GVDYGWGVLIKHIQRQTPKNGQPPYPEQESYVLDVLLKVSGDFNPKTRGEGPMPEGIMPAGKDSKNARWEVVPCLLNCLR
ALGQLRVFLPKRLESADEKDGVGKAVDEISRRFPDGIPILDPMENMGINDDSFKKLLRKIEVLESRLVANPLHNSPLLVE
LWNQYSLKMQLGEQIKEKKKAIARAHSVAQLDELKSRKRVLRRLGFINDAEVVQMKARVACEISSTEGHELLLAELLFNR
FFNELSPEICACILSCFIFDEKIETQALKEELAKPFREIQAQARIIAKVSAESKLDVNEDEYVQSLKWQLMETVLAWAQG
RPFSEICKMTNVYEGSLIRLFRRLEELLRQMAEAARVMGSEELKDKFELSLSKIRRDIVSFNSLYL
;
_entity_poly.pdbx_strand_id   A
#
# COMPACT_ATOMS: atom_id res chain seq x y z
CA ILE A 141 28.31 -31.46 10.98
C ILE A 141 28.94 -30.08 10.91
N VAL A 142 30.19 -29.98 11.38
CA VAL A 142 30.99 -28.76 11.37
C VAL A 142 30.23 -27.60 12.02
N LEU A 143 30.10 -26.50 11.28
CA LEU A 143 29.71 -25.22 11.88
C LEU A 143 28.23 -25.23 12.30
N SER A 144 27.92 -24.44 13.34
CA SER A 144 26.58 -24.42 13.91
C SER A 144 26.28 -23.05 14.52
N HIS A 145 25.16 -22.42 14.11
CA HIS A 145 24.70 -21.18 14.71
C HIS A 145 23.33 -20.68 14.25
N ASN A 146 22.27 -21.05 14.98
CA ASN A 146 20.91 -20.54 14.74
C ASN A 146 20.47 -20.75 13.29
N ILE A 147 20.69 -21.96 12.77
CA ILE A 147 20.29 -22.34 11.41
C ILE A 147 19.20 -23.40 11.44
N GLN A 148 18.08 -23.11 10.75
CA GLN A 148 16.95 -24.01 10.59
C GLN A 148 16.96 -24.55 9.16
N HIS A 149 16.77 -25.86 9.03
CA HIS A 149 16.68 -26.54 7.73
C HIS A 149 15.34 -27.25 7.63
N GLN A 150 14.80 -27.28 6.42
CA GLN A 150 13.59 -28.04 6.11
C GLN A 150 13.71 -28.61 4.70
N VAL A 151 12.80 -29.53 4.35
CA VAL A 151 12.79 -30.11 3.01
C VAL A 151 11.34 -30.38 2.60
N ALA A 152 11.10 -30.20 1.31
CA ALA A 152 9.85 -30.42 0.60
C ALA A 152 9.91 -31.63 -0.33
N LEU A 153 8.91 -32.51 -0.23
CA LEU A 153 8.81 -33.78 -0.92
C LEU A 153 7.54 -33.68 -1.76
N PRO A 154 7.51 -34.26 -2.97
CA PRO A 154 6.26 -34.27 -3.73
C PRO A 154 5.16 -35.09 -3.12
N PRO A 155 3.89 -34.76 -3.42
CA PRO A 155 2.73 -35.51 -2.98
C PRO A 155 2.76 -36.91 -3.56
N ASP A 156 2.31 -37.91 -2.80
CA ASP A 156 2.31 -39.25 -3.35
C ASP A 156 1.48 -39.29 -4.64
N LEU A 157 2.06 -39.72 -5.78
CA LEU A 157 3.45 -40.15 -6.08
C LEU A 157 4.26 -40.77 -4.95
N ASP A 158 5.47 -40.24 -4.73
CA ASP A 158 6.43 -40.74 -3.74
C ASP A 158 6.34 -42.26 -3.56
N TYR A 159 5.90 -42.95 -4.59
CA TYR A 159 5.59 -44.37 -4.52
C TYR A 159 6.62 -45.21 -5.24
N GLU A 160 7.09 -44.78 -6.41
CA GLU A 160 8.22 -45.44 -7.05
C GLU A 160 9.03 -44.45 -7.87
N TYR A 161 10.36 -44.45 -7.71
CA TYR A 161 11.12 -45.05 -6.59
C TYR A 161 12.57 -44.62 -6.75
N ILE A 162 13.32 -45.46 -7.46
CA ILE A 162 14.72 -45.27 -7.81
C ILE A 162 15.56 -45.00 -6.56
N PRO A 163 15.84 -46.00 -5.72
CA PRO A 163 16.61 -45.75 -4.48
C PRO A 163 18.08 -45.97 -4.69
N LEU A 164 18.45 -47.22 -4.39
CA LEU A 164 19.80 -47.75 -4.35
C LEU A 164 20.89 -46.71 -4.12
N SER A 165 21.28 -46.52 -2.86
CA SER A 165 22.22 -45.50 -2.43
C SER A 165 21.74 -44.07 -2.61
N GLU A 166 22.30 -43.35 -3.59
CA GLU A 166 21.94 -41.97 -3.90
C GLU A 166 22.03 -41.08 -2.66
N HIS A 167 23.19 -41.14 -2.01
CA HIS A 167 23.36 -40.52 -0.69
C HIS A 167 24.83 -40.11 -0.59
N LYS A 168 25.14 -38.92 -1.12
CA LYS A 168 26.46 -38.29 -1.05
C LYS A 168 27.51 -39.06 -1.86
N PRO A 169 28.65 -38.43 -2.23
CA PRO A 169 28.99 -37.03 -2.00
C PRO A 169 28.24 -36.01 -2.88
N PRO A 170 28.15 -36.21 -4.21
CA PRO A 170 28.78 -37.15 -5.14
C PRO A 170 29.82 -36.52 -6.10
N ALA A 171 30.02 -35.21 -6.04
CA ALA A 171 30.84 -34.49 -7.00
C ALA A 171 31.79 -33.53 -6.29
N GLU A 172 32.79 -33.02 -7.04
CA GLU A 172 33.72 -32.08 -6.44
C GLU A 172 33.12 -30.67 -6.41
N PRO A 173 33.56 -29.81 -5.48
CA PRO A 173 33.07 -28.44 -5.44
C PRO A 173 33.86 -27.32 -6.12
N ALA A 174 33.25 -26.67 -7.10
CA ALA A 174 33.94 -25.61 -7.82
C ALA A 174 34.04 -24.37 -6.92
N ARG A 175 35.07 -23.57 -7.18
CA ARG A 175 35.31 -22.26 -6.54
C ARG A 175 34.95 -22.21 -5.04
N THR A 176 35.46 -23.18 -4.26
CA THR A 176 35.20 -23.14 -2.82
C THR A 176 35.72 -21.80 -2.29
N TYR A 177 37.04 -21.71 -2.12
CA TYR A 177 37.68 -20.53 -1.56
C TYR A 177 37.63 -19.40 -2.58
N SER A 178 37.65 -18.15 -2.11
CA SER A 178 38.54 -17.66 -1.05
C SER A 178 38.21 -17.77 0.45
N PHE A 179 37.26 -16.97 0.92
CA PHE A 179 36.81 -17.01 2.31
C PHE A 179 36.08 -18.29 2.70
N LYS A 180 36.12 -18.55 4.00
CA LYS A 180 35.43 -19.69 4.61
C LYS A 180 33.91 -19.52 4.47
N LEU A 181 33.23 -20.58 4.04
CA LEU A 181 31.78 -20.56 3.97
C LEU A 181 31.13 -20.49 5.34
N ASP A 182 29.97 -19.80 5.40
CA ASP A 182 29.10 -19.81 6.56
C ASP A 182 28.21 -21.05 6.49
N PRO A 183 27.92 -21.70 7.63
CA PRO A 183 27.13 -22.95 7.60
C PRO A 183 25.85 -22.87 6.77
N PHE A 184 25.17 -21.72 6.71
CA PHE A 184 23.91 -21.67 5.98
C PHE A 184 24.18 -21.74 4.48
N GLN A 185 25.34 -21.21 4.09
CA GLN A 185 25.77 -21.25 2.70
C GLN A 185 26.18 -22.67 2.36
N ALA A 186 27.04 -23.26 3.19
CA ALA A 186 27.44 -24.63 3.02
C ALA A 186 26.22 -25.51 2.78
N LEU A 187 25.23 -25.44 3.69
CA LEU A 187 24.02 -26.24 3.54
C LEU A 187 23.35 -26.00 2.18
N SER A 188 23.11 -24.74 1.82
CA SER A 188 22.38 -24.49 0.58
C SER A 188 23.17 -24.98 -0.63
N VAL A 189 24.49 -24.81 -0.61
CA VAL A 189 25.36 -25.28 -1.68
C VAL A 189 25.33 -26.80 -1.74
N ALA A 190 25.22 -27.46 -0.58
CA ALA A 190 25.08 -28.91 -0.59
C ALA A 190 23.80 -29.29 -1.32
N SER A 191 22.70 -28.61 -1.00
CA SER A 191 21.45 -28.85 -1.70
C SER A 191 21.65 -28.75 -3.21
N ILE A 192 22.35 -27.69 -3.66
CA ILE A 192 22.53 -27.45 -5.09
C ILE A 192 23.42 -28.52 -5.71
N GLU A 193 24.48 -28.91 -4.99
CA GLU A 193 25.43 -29.91 -5.48
C GLU A 193 24.75 -31.26 -5.70
N ARG A 194 23.75 -31.59 -4.89
CA ARG A 194 23.05 -32.86 -5.03
C ARG A 194 21.99 -32.81 -6.12
N GLU A 195 21.84 -31.66 -6.79
CA GLU A 195 20.89 -31.43 -7.87
C GLU A 195 19.45 -31.31 -7.36
N GLU A 196 19.28 -30.86 -6.12
CA GLU A 196 17.97 -30.60 -5.56
C GLU A 196 17.80 -29.10 -5.36
N SER A 197 16.63 -28.60 -5.71
CA SER A 197 16.30 -27.18 -5.63
C SER A 197 16.31 -26.71 -4.17
N VAL A 198 16.56 -25.43 -3.96
CA VAL A 198 16.63 -24.95 -2.58
C VAL A 198 16.25 -23.48 -2.49
N LEU A 199 15.41 -23.17 -1.49
CA LEU A 199 15.03 -21.82 -1.10
C LEU A 199 15.87 -21.39 0.10
N VAL A 200 16.68 -20.35 -0.08
CA VAL A 200 17.46 -19.76 0.99
C VAL A 200 16.71 -18.57 1.56
N SER A 201 16.59 -18.52 2.88
CA SER A 201 15.86 -17.47 3.59
C SER A 201 16.79 -16.80 4.59
N ALA A 202 17.28 -15.63 4.22
CA ALA A 202 18.28 -14.91 5.00
C ALA A 202 18.15 -13.43 4.68
N HIS A 203 18.71 -12.61 5.55
CA HIS A 203 18.68 -11.17 5.31
C HIS A 203 19.57 -10.80 4.12
N THR A 204 19.26 -9.67 3.50
CA THR A 204 19.96 -9.29 2.27
C THR A 204 21.45 -9.14 2.53
N SER A 205 21.83 -8.57 3.67
CA SER A 205 23.24 -8.39 3.95
C SER A 205 23.96 -9.70 4.28
N ALA A 206 23.26 -10.84 4.27
CA ALA A 206 23.84 -12.05 4.85
C ALA A 206 24.78 -12.77 3.89
N GLY A 207 24.76 -12.43 2.61
CA GLY A 207 25.69 -12.97 1.64
C GLY A 207 25.05 -14.06 0.80
N LYS A 208 23.77 -13.89 0.47
CA LYS A 208 23.07 -14.85 -0.39
C LYS A 208 23.69 -15.00 -1.78
N THR A 209 24.31 -13.94 -2.30
CA THR A 209 24.83 -13.98 -3.67
C THR A 209 25.90 -15.06 -3.88
N VAL A 210 26.63 -15.40 -2.83
CA VAL A 210 27.66 -16.43 -2.92
C VAL A 210 27.05 -17.75 -3.35
N VAL A 211 25.84 -18.04 -2.87
CA VAL A 211 25.20 -19.28 -3.24
C VAL A 211 24.86 -19.27 -4.72
N ALA A 212 24.37 -18.14 -5.22
CA ALA A 212 24.05 -18.06 -6.64
C ALA A 212 25.30 -18.39 -7.45
N GLU A 213 26.44 -17.80 -7.08
CA GLU A 213 27.67 -18.07 -7.81
C GLU A 213 27.91 -19.57 -7.93
N TYR A 214 27.74 -20.33 -6.85
CA TYR A 214 28.04 -21.75 -6.93
C TYR A 214 27.21 -22.46 -7.98
N ALA A 215 25.92 -22.11 -8.09
CA ALA A 215 25.12 -22.82 -9.06
C ALA A 215 25.60 -22.50 -10.46
N ILE A 216 26.05 -21.27 -10.64
CA ILE A 216 26.53 -20.87 -11.96
C ILE A 216 27.78 -21.66 -12.26
N ALA A 217 28.73 -21.67 -11.32
CA ALA A 217 29.95 -22.43 -11.54
C ALA A 217 29.62 -23.88 -11.83
N GLN A 218 28.70 -24.47 -11.05
CA GLN A 218 28.38 -25.87 -11.29
C GLN A 218 27.79 -26.06 -12.67
N CYS A 219 26.90 -25.16 -13.06
CA CYS A 219 26.34 -25.20 -14.41
C CYS A 219 27.46 -25.11 -15.43
N LEU A 220 28.37 -24.16 -15.25
CA LEU A 220 29.43 -23.98 -16.22
C LEU A 220 30.31 -25.22 -16.30
N LYS A 221 30.54 -25.88 -15.15
CA LYS A 221 31.35 -27.10 -15.15
C LYS A 221 30.73 -28.18 -16.03
N LYS A 222 29.43 -28.47 -15.83
CA LYS A 222 28.74 -29.46 -16.63
C LYS A 222 28.37 -28.97 -18.04
N ASN A 223 28.95 -27.88 -18.55
CA ASN A 223 28.63 -27.39 -19.89
C ASN A 223 27.14 -27.15 -20.07
N GLN A 224 26.45 -26.79 -19.00
CA GLN A 224 25.02 -26.52 -19.03
C GLN A 224 24.77 -25.01 -19.08
N ARG A 225 23.50 -24.62 -19.17
CA ARG A 225 23.13 -23.22 -19.11
C ARG A 225 22.37 -22.90 -17.83
N VAL A 226 22.49 -21.64 -17.40
CA VAL A 226 21.87 -21.15 -16.17
C VAL A 226 21.30 -19.76 -16.45
N ILE A 227 20.20 -19.44 -15.78
CA ILE A 227 19.55 -18.14 -15.97
C ILE A 227 19.40 -17.45 -14.62
N TYR A 228 19.87 -16.20 -14.56
CA TYR A 228 19.77 -15.34 -13.39
C TYR A 228 18.67 -14.33 -13.67
N THR A 229 17.54 -14.46 -12.99
CA THR A 229 16.43 -13.57 -13.24
C THR A 229 16.47 -12.46 -12.19
N SER A 230 16.52 -11.24 -12.64
CA SER A 230 16.47 -10.32 -11.51
C SER A 230 15.07 -9.71 -11.53
N PRO A 231 14.54 -9.25 -10.40
CA PRO A 231 13.19 -8.70 -10.48
C PRO A 231 13.10 -7.40 -11.26
N ILE A 232 13.96 -6.43 -10.95
CA ILE A 232 13.92 -5.13 -11.60
C ILE A 232 15.27 -4.58 -12.04
N LYS A 233 15.16 -3.59 -12.93
CA LYS A 233 16.07 -2.84 -13.79
C LYS A 233 17.61 -2.87 -13.66
N ALA A 234 18.11 -1.79 -13.03
CA ALA A 234 19.53 -1.52 -12.76
C ALA A 234 20.31 -2.62 -12.07
N LEU A 235 19.71 -3.33 -11.12
CA LEU A 235 20.52 -4.31 -10.40
C LEU A 235 20.87 -5.48 -11.29
N SER A 236 20.00 -5.83 -12.23
CA SER A 236 20.33 -6.93 -13.12
C SER A 236 21.59 -6.56 -13.87
N ASN A 237 21.66 -5.32 -14.36
CA ASN A 237 22.83 -4.80 -15.07
C ASN A 237 24.08 -4.91 -14.18
N GLN A 238 23.96 -4.45 -12.93
CA GLN A 238 25.10 -4.53 -12.00
C GLN A 238 25.56 -5.97 -11.84
N LYS A 239 24.61 -6.89 -11.62
CA LYS A 239 24.95 -8.27 -11.36
C LYS A 239 25.57 -8.85 -12.62
N TYR A 240 25.06 -8.45 -13.78
CA TYR A 240 25.68 -8.85 -15.03
C TYR A 240 27.15 -8.44 -15.02
N ARG A 241 27.44 -7.20 -14.59
CA ARG A 241 28.84 -6.74 -14.59
C ARG A 241 29.66 -7.65 -13.67
N ASP A 242 29.09 -8.04 -12.51
CA ASP A 242 29.86 -8.86 -11.57
C ASP A 242 30.08 -10.26 -12.14
N PHE A 243 29.03 -10.87 -12.68
CA PHE A 243 29.16 -12.21 -13.25
C PHE A 243 30.04 -12.18 -14.50
N GLN A 244 29.99 -11.09 -15.27
CA GLN A 244 30.79 -11.06 -16.49
C GLN A 244 32.26 -11.05 -16.12
N ALA A 245 32.63 -10.18 -15.19
CA ALA A 245 34.01 -10.11 -14.75
C ALA A 245 34.45 -11.44 -14.15
N GLU A 246 33.53 -12.13 -13.46
CA GLU A 246 33.85 -13.42 -12.85
C GLU A 246 33.95 -14.57 -13.86
N PHE A 247 32.84 -14.90 -14.52
CA PHE A 247 32.72 -16.13 -15.31
C PHE A 247 32.92 -15.96 -16.81
N GLY A 248 33.01 -14.73 -17.30
CA GLY A 248 33.24 -14.46 -18.71
C GLY A 248 32.13 -14.87 -19.67
N ASP A 249 31.67 -16.11 -19.59
CA ASP A 249 30.68 -16.62 -20.55
C ASP A 249 29.28 -16.27 -20.06
N VAL A 250 29.00 -14.97 -20.05
CA VAL A 250 27.81 -14.40 -19.44
C VAL A 250 27.19 -13.39 -20.39
N GLY A 251 25.85 -13.35 -20.45
CA GLY A 251 25.16 -12.36 -21.25
C GLY A 251 24.01 -11.73 -20.49
N LEU A 252 23.38 -10.76 -21.15
CA LEU A 252 22.36 -9.92 -20.54
C LEU A 252 21.23 -9.69 -21.53
N MET A 253 19.99 -9.84 -21.08
CA MET A 253 18.82 -9.49 -21.89
C MET A 253 17.84 -8.68 -21.06
N THR A 254 17.69 -7.40 -21.40
CA THR A 254 16.70 -6.56 -20.75
C THR A 254 15.83 -5.93 -21.83
N GLY A 255 14.85 -5.12 -21.38
CA GLY A 255 14.05 -4.35 -22.30
C GLY A 255 14.87 -3.43 -23.19
N ASP A 256 15.98 -2.93 -22.65
CA ASP A 256 16.81 -1.92 -23.29
C ASP A 256 17.94 -2.48 -24.16
N VAL A 257 18.37 -3.72 -24.00
CA VAL A 257 19.61 -4.20 -24.62
C VAL A 257 19.64 -5.72 -24.60
N THR A 258 20.51 -6.29 -25.45
CA THR A 258 20.74 -7.73 -25.56
C THR A 258 22.25 -7.94 -25.67
N ILE A 259 22.81 -8.82 -24.83
CA ILE A 259 24.23 -9.16 -24.86
C ILE A 259 24.43 -10.66 -24.80
N ASN A 260 25.26 -11.18 -25.70
CA ASN A 260 25.71 -12.57 -25.70
C ASN A 260 24.62 -13.65 -25.60
N PRO A 261 23.64 -13.66 -26.50
CA PRO A 261 22.49 -14.56 -26.30
C PRO A 261 22.86 -16.04 -26.34
N THR A 262 24.10 -16.40 -26.68
CA THR A 262 24.47 -17.81 -26.72
C THR A 262 25.27 -18.19 -25.48
N ALA A 263 25.32 -17.30 -24.48
CA ALA A 263 26.19 -17.54 -23.35
C ALA A 263 25.60 -18.64 -22.47
N SER A 264 26.47 -19.28 -21.69
CA SER A 264 25.98 -20.32 -20.80
C SER A 264 25.11 -19.75 -19.69
N CYS A 265 25.42 -18.53 -19.22
CA CYS A 265 24.66 -17.89 -18.15
C CYS A 265 24.02 -16.60 -18.64
N LEU A 266 22.69 -16.56 -18.70
CA LEU A 266 21.97 -15.38 -19.17
C LEU A 266 21.34 -14.67 -17.97
N VAL A 267 21.66 -13.38 -17.80
CA VAL A 267 20.98 -12.56 -16.82
C VAL A 267 19.83 -11.86 -17.54
N MET A 268 18.61 -12.05 -17.05
CA MET A 268 17.45 -11.38 -17.64
C MET A 268 16.41 -11.08 -16.57
N THR A 269 15.52 -10.15 -16.90
CA THR A 269 14.45 -9.82 -15.97
C THR A 269 13.33 -10.86 -16.12
N THR A 270 12.54 -11.01 -15.05
CA THR A 270 11.40 -11.92 -15.03
C THR A 270 10.43 -11.73 -16.21
N GLU A 271 10.13 -10.48 -16.57
CA GLU A 271 9.20 -10.23 -17.68
C GLU A 271 9.70 -10.84 -18.98
N ILE A 272 10.99 -10.69 -19.27
CA ILE A 272 11.55 -11.24 -20.50
C ILE A 272 11.48 -12.75 -20.41
N LEU A 273 11.65 -13.31 -19.21
CA LEU A 273 11.54 -14.74 -19.05
C LEU A 273 10.14 -15.16 -19.47
N ARG A 274 9.13 -14.44 -18.99
CA ARG A 274 7.74 -14.70 -19.35
C ARG A 274 7.52 -14.71 -20.85
N SER A 275 7.97 -13.65 -21.54
CA SER A 275 7.77 -13.59 -22.98
C SER A 275 8.48 -14.73 -23.68
N MET A 276 9.77 -14.89 -23.42
CA MET A 276 10.58 -15.91 -24.08
C MET A 276 9.99 -17.30 -23.86
N LEU A 277 9.45 -17.53 -22.66
CA LEU A 277 8.76 -18.78 -22.33
C LEU A 277 7.53 -19.00 -23.19
N TYR A 278 6.61 -18.02 -23.21
CA TYR A 278 5.41 -18.19 -24.02
C TYR A 278 5.79 -18.44 -25.47
N ARG A 279 6.81 -17.75 -25.96
CA ARG A 279 7.33 -18.00 -27.30
C ARG A 279 7.94 -19.39 -27.49
N GLY A 280 8.19 -20.12 -26.41
CA GLY A 280 8.75 -21.47 -26.50
C GLY A 280 10.12 -21.64 -27.14
N SER A 281 11.04 -20.71 -26.89
CA SER A 281 12.35 -20.76 -27.50
C SER A 281 13.12 -22.02 -27.07
N GLU A 282 13.86 -22.62 -28.01
CA GLU A 282 14.59 -23.85 -27.73
C GLU A 282 15.65 -23.66 -26.65
N ILE A 283 16.05 -22.41 -26.38
CA ILE A 283 17.02 -22.14 -25.33
C ILE A 283 16.57 -22.79 -24.02
N MET A 284 15.28 -22.67 -23.72
CA MET A 284 14.75 -23.17 -22.45
C MET A 284 15.05 -24.66 -22.29
N ARG A 285 15.13 -25.39 -23.41
CA ARG A 285 15.35 -26.83 -23.35
C ARG A 285 16.69 -27.08 -22.66
N GLU A 286 17.74 -26.29 -23.01
CA GLU A 286 19.08 -26.52 -22.44
C GLU A 286 19.21 -26.02 -21.02
N VAL A 287 18.22 -25.30 -20.47
CA VAL A 287 18.41 -24.65 -19.18
C VAL A 287 18.22 -25.68 -18.08
N ALA A 288 19.24 -25.85 -17.22
CA ALA A 288 19.17 -26.80 -16.11
C ALA A 288 18.82 -26.14 -14.77
N TRP A 289 19.28 -24.91 -14.53
CA TRP A 289 19.11 -24.20 -13.27
C TRP A 289 18.63 -22.77 -13.50
N VAL A 290 17.63 -22.36 -12.71
CA VAL A 290 17.17 -20.98 -12.67
C VAL A 290 17.32 -20.47 -11.25
N VAL A 291 18.06 -19.38 -11.08
CA VAL A 291 18.20 -18.71 -9.80
C VAL A 291 17.25 -17.52 -9.80
N PHE A 292 16.39 -17.42 -8.78
CA PHE A 292 15.50 -16.27 -8.61
C PHE A 292 16.03 -15.42 -7.46
N ASP A 293 16.61 -14.27 -7.78
CA ASP A 293 17.06 -13.36 -6.74
C ASP A 293 15.89 -12.50 -6.27
N GLU A 294 15.75 -12.33 -4.96
CA GLU A 294 14.66 -11.53 -4.39
C GLU A 294 13.29 -12.04 -4.84
N ILE A 295 13.04 -13.34 -4.60
CA ILE A 295 11.80 -14.00 -5.01
C ILE A 295 10.56 -13.45 -4.30
N HIS A 296 10.73 -12.80 -3.14
CA HIS A 296 9.57 -12.28 -2.39
C HIS A 296 8.84 -11.17 -3.13
N TYR A 297 9.37 -10.76 -4.30
CA TYR A 297 8.65 -9.79 -5.09
C TYR A 297 7.43 -10.43 -5.73
N MET A 298 7.26 -11.74 -5.58
CA MET A 298 6.06 -12.37 -6.08
C MET A 298 4.84 -11.81 -5.38
N ARG A 299 5.02 -11.17 -4.21
CA ARG A 299 3.86 -10.63 -3.51
C ARG A 299 3.48 -9.25 -4.02
N ASP A 300 4.15 -8.77 -5.07
CA ASP A 300 3.86 -7.46 -5.63
C ASP A 300 2.56 -7.48 -6.42
N LYS A 301 1.71 -6.46 -6.17
CA LYS A 301 0.36 -6.42 -6.72
C LYS A 301 0.33 -6.47 -8.25
N ILE A 302 1.32 -5.89 -8.92
CA ILE A 302 1.33 -5.81 -10.38
C ILE A 302 2.35 -6.76 -11.00
N ARG A 303 3.51 -6.96 -10.34
CA ARG A 303 4.53 -7.79 -10.98
C ARG A 303 4.62 -9.20 -10.42
N GLY A 304 4.06 -9.47 -9.24
CA GLY A 304 4.15 -10.83 -8.70
C GLY A 304 3.65 -11.88 -9.68
N VAL A 305 2.63 -11.52 -10.47
CA VAL A 305 1.98 -12.50 -11.33
C VAL A 305 2.99 -12.99 -12.35
N VAL A 306 3.90 -12.12 -12.77
CA VAL A 306 4.87 -12.47 -13.81
C VAL A 306 5.78 -13.59 -13.29
N TRP A 307 6.29 -13.38 -12.08
CA TRP A 307 7.08 -14.36 -11.36
C TRP A 307 6.35 -15.70 -11.37
N GLU A 308 5.11 -15.69 -10.85
CA GLU A 308 4.35 -16.93 -10.72
C GLU A 308 4.22 -17.60 -12.08
N GLU A 309 3.86 -16.82 -13.10
CA GLU A 309 3.63 -17.35 -14.44
C GLU A 309 4.85 -18.09 -14.95
N THR A 310 6.03 -17.48 -14.78
CA THR A 310 7.24 -18.10 -15.31
C THR A 310 7.60 -19.33 -14.50
N ILE A 311 7.34 -19.29 -13.19
CA ILE A 311 7.59 -20.48 -12.36
C ILE A 311 6.75 -21.65 -12.85
N ILE A 312 5.42 -21.45 -12.93
CA ILE A 312 4.52 -22.50 -13.44
C ILE A 312 4.93 -23.02 -14.80
N LEU A 313 5.49 -22.16 -15.66
CA LEU A 313 5.74 -22.57 -17.03
C LEU A 313 7.00 -23.40 -17.22
N LEU A 314 7.90 -23.46 -16.24
CA LEU A 314 9.17 -24.12 -16.45
C LEU A 314 9.01 -25.64 -16.47
N PRO A 315 9.85 -26.32 -17.24
CA PRO A 315 9.83 -27.80 -17.24
C PRO A 315 10.16 -28.36 -15.87
N ASP A 316 9.49 -29.47 -15.54
CA ASP A 316 9.65 -30.10 -14.23
C ASP A 316 11.10 -30.50 -13.98
N LYS A 317 11.82 -30.86 -15.05
CA LYS A 317 13.22 -31.27 -14.93
C LYS A 317 14.10 -30.16 -14.36
N VAL A 318 13.71 -28.89 -14.53
CA VAL A 318 14.54 -27.76 -14.14
C VAL A 318 14.65 -27.66 -12.62
N ARG A 319 15.79 -27.16 -12.14
CA ARG A 319 16.00 -26.93 -10.72
C ARG A 319 16.12 -25.43 -10.44
N TYR A 320 15.79 -25.05 -9.20
CA TYR A 320 15.66 -23.65 -8.80
C TYR A 320 16.47 -23.34 -7.55
N VAL A 321 17.14 -22.18 -7.56
CA VAL A 321 17.66 -21.59 -6.33
C VAL A 321 16.87 -20.32 -6.05
N PHE A 322 16.05 -20.32 -5.00
CA PHE A 322 15.28 -19.12 -4.63
C PHE A 322 16.02 -18.37 -3.52
N LEU A 323 16.36 -17.12 -3.78
CA LEU A 323 16.92 -16.26 -2.73
C LEU A 323 15.79 -15.39 -2.22
N SER A 324 15.61 -15.35 -0.89
CA SER A 324 14.51 -14.59 -0.33
C SER A 324 14.92 -13.94 0.99
N ALA A 325 14.14 -12.92 1.37
CA ALA A 325 14.20 -12.41 2.72
C ALA A 325 13.70 -13.47 3.70
N THR A 326 13.89 -13.22 5.00
CA THR A 326 13.44 -14.15 6.03
C THR A 326 11.92 -14.20 6.16
N ILE A 327 11.22 -14.62 5.10
CA ILE A 327 9.76 -14.68 5.10
C ILE A 327 9.33 -15.81 6.03
N PRO A 328 8.14 -15.73 6.64
CA PRO A 328 7.77 -16.77 7.62
C PRO A 328 7.25 -18.06 7.01
N ASN A 329 6.72 -18.06 5.79
CA ASN A 329 6.11 -19.28 5.27
C ASN A 329 6.90 -19.85 4.10
N ALA A 330 8.24 -19.79 4.19
CA ALA A 330 9.07 -20.34 3.13
C ALA A 330 8.70 -21.78 2.84
N PHE A 331 8.51 -22.56 3.90
CA PHE A 331 8.23 -24.00 3.78
C PHE A 331 7.07 -24.23 2.83
N GLN A 332 6.00 -23.43 3.00
CA GLN A 332 4.83 -23.58 2.14
C GLN A 332 5.24 -23.43 0.69
N PHE A 333 6.11 -22.45 0.40
CA PHE A 333 6.54 -22.20 -0.97
C PHE A 333 7.26 -23.43 -1.49
N ALA A 334 8.23 -23.92 -0.73
CA ALA A 334 8.93 -25.16 -1.08
C ALA A 334 7.93 -26.26 -1.41
N GLU A 335 6.97 -26.49 -0.52
CA GLU A 335 5.99 -27.55 -0.73
C GLU A 335 5.25 -27.37 -2.05
N TRP A 336 4.84 -26.14 -2.35
CA TRP A 336 4.16 -25.88 -3.62
C TRP A 336 5.05 -26.25 -4.81
N ILE A 337 6.33 -25.86 -4.75
CA ILE A 337 7.28 -26.24 -5.80
C ILE A 337 7.36 -27.76 -5.90
N ALA A 338 7.51 -28.43 -4.76
CA ALA A 338 7.59 -29.89 -4.69
C ALA A 338 6.42 -30.54 -5.41
N LYS A 339 5.20 -30.12 -5.07
CA LYS A 339 4.01 -30.65 -5.71
C LYS A 339 4.03 -30.40 -7.22
N ILE A 340 4.10 -29.13 -7.63
CA ILE A 340 3.86 -28.81 -9.02
C ILE A 340 4.98 -29.28 -9.94
N HIS A 341 6.20 -29.42 -9.43
CA HIS A 341 7.33 -29.86 -10.26
C HIS A 341 7.90 -31.22 -9.89
N ARG A 342 7.26 -31.96 -8.97
CA ARG A 342 7.61 -33.36 -8.70
C ARG A 342 9.11 -33.56 -8.45
N GLN A 343 9.60 -32.88 -7.42
CA GLN A 343 11.02 -32.86 -7.08
C GLN A 343 11.14 -32.29 -5.68
N ALA A 344 12.26 -32.58 -5.02
CA ALA A 344 12.43 -32.03 -3.69
C ALA A 344 12.75 -30.55 -3.76
N CYS A 345 12.55 -29.87 -2.64
CA CYS A 345 12.96 -28.46 -2.51
C CYS A 345 13.41 -28.23 -1.08
N HIS A 346 14.68 -27.89 -0.87
CA HIS A 346 15.08 -27.61 0.50
C HIS A 346 14.70 -26.18 0.88
N VAL A 347 14.76 -25.91 2.18
CA VAL A 347 14.58 -24.57 2.72
C VAL A 347 15.67 -24.36 3.77
N VAL A 348 16.48 -23.32 3.59
CA VAL A 348 17.48 -22.93 4.58
C VAL A 348 17.15 -21.55 5.11
N TYR A 349 16.90 -21.48 6.41
CA TYR A 349 16.49 -20.27 7.12
C TYR A 349 17.48 -20.00 8.23
N THR A 350 17.76 -18.72 8.49
CA THR A 350 18.57 -18.38 9.66
C THR A 350 18.39 -16.91 10.00
N ASP A 351 18.38 -16.63 11.30
CA ASP A 351 18.27 -15.26 11.81
C ASP A 351 19.66 -14.71 12.10
N PHE A 352 20.41 -14.44 11.02
CA PHE A 352 21.80 -14.04 11.15
C PHE A 352 21.98 -12.68 10.49
N ARG A 353 22.54 -11.73 11.23
CA ARG A 353 22.99 -10.44 10.73
C ARG A 353 24.46 -10.26 11.07
N PRO A 354 25.34 -10.06 10.08
CA PRO A 354 26.77 -9.84 10.40
C PRO A 354 27.02 -8.65 11.31
N THR A 355 26.44 -7.49 11.02
CA THR A 355 26.58 -6.30 11.86
C THR A 355 25.25 -5.98 12.54
N PRO A 356 25.22 -5.83 13.86
CA PRO A 356 23.94 -5.68 14.55
C PRO A 356 23.41 -4.25 14.52
N LEU A 357 22.09 -4.14 14.58
CA LEU A 357 21.39 -2.88 14.48
C LEU A 357 20.92 -2.36 15.84
N GLN A 358 21.09 -1.06 16.07
CA GLN A 358 20.42 -0.34 17.15
C GLN A 358 19.38 0.60 16.55
N ASN A 359 18.15 0.54 17.04
CA ASN A 359 17.08 1.42 16.57
C ASN A 359 16.78 2.52 17.58
N TYR A 360 16.74 3.77 17.08
CA TYR A 360 16.46 4.94 17.89
C TYR A 360 15.27 5.72 17.32
N PHE A 361 14.49 6.32 18.21
CA PHE A 361 13.37 7.19 17.85
C PHE A 361 13.70 8.66 18.11
N PHE A 362 13.27 9.52 17.18
CA PHE A 362 13.32 10.97 17.35
C PHE A 362 11.90 11.54 17.28
N PRO A 363 11.36 12.00 18.41
CA PRO A 363 10.04 12.64 18.37
C PRO A 363 10.06 14.04 17.78
N ALA A 364 9.05 14.32 16.95
CA ALA A 364 8.96 15.60 16.28
C ALA A 364 8.98 16.75 17.28
N GLY A 365 9.75 17.78 16.97
CA GLY A 365 9.91 18.93 17.84
C GLY A 365 10.53 18.58 19.18
N GLY A 366 11.06 17.36 19.28
CA GLY A 366 11.69 16.88 20.49
C GLY A 366 13.10 17.43 20.63
N LYS A 367 13.79 16.93 21.66
CA LYS A 367 15.10 17.46 22.01
C LYS A 367 16.24 16.48 21.74
N GLY A 368 15.93 15.25 21.36
CA GLY A 368 16.97 14.26 21.12
C GLY A 368 16.36 12.95 20.68
N ILE A 369 17.16 11.87 20.71
CA ILE A 369 16.69 10.58 20.27
C ILE A 369 16.70 9.59 21.43
N LEU A 370 15.78 8.63 21.36
CA LEU A 370 15.56 7.59 22.37
C LEU A 370 15.88 6.22 21.80
N LEU A 371 16.82 5.50 22.43
CA LEU A 371 17.07 4.12 22.03
C LEU A 371 15.83 3.28 22.34
N ILE A 372 15.25 2.68 21.31
CA ILE A 372 14.05 1.87 21.50
C ILE A 372 14.27 0.40 21.16
N VAL A 373 15.30 0.02 20.41
CA VAL A 373 15.62 -1.39 20.22
C VAL A 373 17.14 -1.55 20.27
N ASP A 374 17.64 -2.33 21.23
CA ASP A 374 19.09 -2.41 21.41
C ASP A 374 19.69 -3.57 20.62
N GLU A 375 21.03 -3.60 20.60
CA GLU A 375 21.78 -4.61 19.87
C GLU A 375 21.32 -6.03 20.16
N LYS A 376 20.90 -6.30 21.40
CA LYS A 376 20.42 -7.63 21.71
C LYS A 376 19.01 -7.88 21.20
N GLY A 377 18.42 -6.90 20.54
CA GLY A 377 17.05 -6.96 20.09
C GLY A 377 16.01 -6.94 21.20
N ASN A 378 16.35 -6.38 22.36
CA ASN A 378 15.41 -6.30 23.47
C ASN A 378 14.65 -4.99 23.39
N PHE A 379 13.33 -5.05 23.47
CA PHE A 379 12.51 -3.84 23.41
C PHE A 379 12.44 -3.09 24.74
N LYS A 380 12.86 -1.81 24.72
CA LYS A 380 12.85 -0.92 25.90
C LYS A 380 11.58 -0.04 25.93
N GLU A 381 10.50 -0.64 26.44
CA GLU A 381 9.17 -0.02 26.54
C GLU A 381 9.20 1.40 27.11
N ASN A 382 9.92 1.57 28.22
CA ASN A 382 9.94 2.82 28.96
C ASN A 382 10.39 4.01 28.12
N ASN A 383 11.41 3.85 27.27
CA ASN A 383 11.85 5.01 26.50
C ASN A 383 10.76 5.41 25.51
N PHE A 384 10.08 4.41 24.95
CA PHE A 384 8.97 4.71 24.04
C PHE A 384 7.96 5.57 24.78
N ASN A 385 7.61 5.13 25.99
CA ASN A 385 6.66 5.87 26.81
C ASN A 385 7.07 7.32 27.04
N GLN A 386 8.34 7.52 27.43
CA GLN A 386 8.87 8.88 27.63
C GLN A 386 8.73 9.70 26.35
N ALA A 387 9.09 9.08 25.22
CA ALA A 387 9.10 9.76 23.93
C ALA A 387 7.70 10.25 23.61
N MET A 388 6.71 9.36 23.80
CA MET A 388 5.36 9.73 23.45
C MET A 388 4.94 10.90 24.33
N ALA A 389 5.51 10.97 25.55
CA ALA A 389 5.13 12.12 26.37
C ALA A 389 5.82 13.35 25.83
N MET A 390 6.94 13.13 25.13
CA MET A 390 7.77 14.18 24.57
C MET A 390 7.06 14.76 23.35
N ILE A 391 6.16 13.97 22.77
CA ILE A 391 5.41 14.35 21.58
C ILE A 391 4.08 14.96 21.99
N GLU A 392 3.55 14.55 23.14
CA GLU A 392 2.31 15.16 23.60
C GLU A 392 2.58 16.60 23.98
N GLU A 393 3.81 16.90 24.41
CA GLU A 393 4.21 18.26 24.73
C GLU A 393 4.50 19.07 23.46
N LYS A 394 4.70 18.40 22.33
CA LYS A 394 5.05 19.08 21.09
C LYS A 394 3.87 19.11 20.12
N LYS A 425 10.67 19.73 9.85
CA LYS A 425 10.99 21.00 9.22
C LYS A 425 12.48 21.29 9.36
N ALA A 426 12.86 21.70 10.57
CA ALA A 426 14.23 22.01 10.95
C ALA A 426 14.89 20.92 11.77
N ASP A 427 14.09 20.01 12.35
CA ASP A 427 14.64 18.90 13.12
C ASP A 427 15.60 18.05 12.30
N ILE A 428 15.31 17.82 11.01
CA ILE A 428 16.19 16.98 10.20
C ILE A 428 17.61 17.53 10.26
N ALA A 429 17.75 18.85 10.18
CA ALA A 429 19.06 19.49 10.23
C ALA A 429 19.76 19.19 11.56
N LYS A 430 19.03 19.31 12.67
CA LYS A 430 19.59 19.02 13.98
C LYS A 430 20.03 17.56 14.07
N ILE A 431 19.20 16.63 13.56
CA ILE A 431 19.55 15.21 13.65
C ILE A 431 20.84 14.96 12.87
N ILE A 432 20.91 15.49 11.65
CA ILE A 432 22.11 15.31 10.84
C ILE A 432 23.31 15.91 11.56
N LYS A 433 23.16 17.09 12.16
CA LYS A 433 24.29 17.71 12.85
C LYS A 433 24.79 16.80 13.98
N MET A 434 23.85 16.19 14.72
CA MET A 434 24.22 15.28 15.79
C MET A 434 24.97 14.07 15.23
N ILE A 435 24.42 13.47 14.17
CA ILE A 435 25.05 12.32 13.52
C ILE A 435 26.47 12.68 13.09
N LEU A 436 26.64 13.87 12.54
CA LEU A 436 27.96 14.35 12.13
C LEU A 436 28.88 14.41 13.32
N LYS A 437 28.43 15.01 14.42
CA LYS A 437 29.32 15.22 15.57
C LYS A 437 29.84 13.89 16.11
N LYS A 438 29.01 12.85 16.13
CA LYS A 438 29.44 11.55 16.67
C LYS A 438 30.00 10.60 15.61
N ASN A 439 30.37 11.09 14.43
CA ASN A 439 30.91 10.21 13.40
C ASN A 439 30.04 9.00 13.10
N PHE A 440 28.79 9.26 12.73
CA PHE A 440 27.87 8.19 12.37
C PHE A 440 27.67 8.13 10.88
N GLN A 441 28.37 9.00 10.13
CA GLN A 441 28.26 9.02 8.69
C GLN A 441 29.07 7.85 8.13
N PRO A 442 28.76 7.41 6.90
CA PRO A 442 27.73 7.96 6.02
C PRO A 442 26.35 7.55 6.49
N VAL A 443 25.35 8.38 6.25
CA VAL A 443 23.99 8.08 6.68
C VAL A 443 23.08 8.19 5.46
N ILE A 444 22.16 7.23 5.34
CA ILE A 444 21.07 7.30 4.37
C ILE A 444 19.83 7.82 5.07
N VAL A 445 19.29 8.92 4.57
CA VAL A 445 18.06 9.49 5.08
C VAL A 445 16.92 9.17 4.13
N PHE A 446 16.00 8.29 4.54
CA PHE A 446 14.94 7.85 3.66
C PHE A 446 13.75 8.80 3.78
N ASN A 447 13.10 9.07 2.65
CA ASN A 447 11.82 9.76 2.63
C ASN A 447 10.94 9.05 1.60
N PHE A 448 9.70 9.51 1.43
CA PHE A 448 8.83 8.81 0.50
C PHE A 448 8.24 9.73 -0.57
N SER A 449 8.98 10.75 -0.99
CA SER A 449 8.57 11.55 -2.13
C SER A 449 9.75 12.35 -2.65
N LYS A 450 9.93 12.39 -3.97
CA LYS A 450 11.04 13.14 -4.56
C LYS A 450 11.06 14.58 -4.02
N ARG A 451 9.88 15.21 -3.99
CA ARG A 451 9.79 16.58 -3.49
C ARG A 451 10.35 16.65 -2.08
N GLU A 452 9.84 15.80 -1.19
CA GLU A 452 10.32 15.77 0.18
C GLU A 452 11.83 15.60 0.20
N CYS A 453 12.36 14.79 -0.72
CA CYS A 453 13.80 14.54 -0.79
C CYS A 453 14.55 15.84 -1.04
N GLU A 454 14.03 16.66 -1.96
CA GLU A 454 14.73 17.87 -2.35
C GLU A 454 14.58 18.92 -1.24
N GLN A 455 13.40 18.94 -0.62
CA GLN A 455 13.14 19.83 0.50
C GLN A 455 14.17 19.59 1.59
N MET A 456 14.28 18.32 2.00
CA MET A 456 15.22 17.92 3.03
C MET A 456 16.63 18.35 2.63
N ALA A 457 16.98 18.18 1.35
CA ALA A 457 18.34 18.54 0.99
C ALA A 457 18.52 20.04 1.12
N LEU A 458 17.45 20.82 0.91
CA LEU A 458 17.62 22.27 1.02
C LEU A 458 17.90 22.64 2.46
N ALA A 459 17.15 22.06 3.40
CA ALA A 459 17.43 22.36 4.79
C ALA A 459 18.85 21.95 5.15
N SER A 460 19.33 20.84 4.55
CA SER A 460 20.65 20.31 4.89
C SER A 460 21.80 21.17 4.34
N SER A 461 21.57 21.88 3.22
CA SER A 461 22.62 22.39 2.35
C SER A 461 23.54 23.45 2.97
N SER A 462 23.14 24.11 4.05
CA SER A 462 24.03 25.04 4.76
C SER A 462 25.35 24.39 5.19
N MET A 463 25.32 23.12 5.59
CA MET A 463 26.53 22.42 6.01
C MET A 463 27.38 21.96 4.83
N LYS A 464 28.63 21.63 5.15
CA LYS A 464 29.61 21.15 4.18
C LYS A 464 30.43 20.06 4.84
N PHE A 465 30.46 18.88 4.20
CA PHE A 465 31.06 17.68 4.76
C PHE A 465 32.32 17.24 4.02
N ASN A 466 32.86 18.06 3.13
CA ASN A 466 33.99 17.61 2.34
C ASN A 466 35.17 18.55 2.46
N ALA A 467 36.36 17.96 2.49
CA ALA A 467 37.62 18.69 2.44
C ALA A 467 37.87 19.15 1.01
N PRO A 468 38.62 20.23 0.81
CA PRO A 468 38.87 20.69 -0.55
C PRO A 468 39.38 19.58 -1.46
N ASP A 469 40.13 18.62 -0.90
CA ASP A 469 40.62 17.50 -1.69
C ASP A 469 39.44 16.63 -2.11
N GLU A 470 38.52 16.38 -1.17
CA GLU A 470 37.34 15.58 -1.46
C GLU A 470 36.51 16.25 -2.54
N GLU A 471 36.26 17.57 -2.37
CA GLU A 471 35.58 18.37 -3.39
C GLU A 471 36.22 18.13 -4.75
N ASN A 472 37.55 18.15 -4.77
CA ASN A 472 38.28 17.97 -6.02
C ASN A 472 37.99 16.58 -6.57
N MET A 473 37.98 15.58 -5.68
CA MET A 473 37.80 14.20 -6.08
C MET A 473 36.44 14.03 -6.74
N VAL A 474 35.40 14.58 -6.12
CA VAL A 474 34.07 14.33 -6.66
C VAL A 474 33.88 15.12 -7.94
N ASN A 475 34.50 16.31 -8.06
CA ASN A 475 34.40 17.04 -9.32
C ASN A 475 35.07 16.24 -10.44
N LYS A 476 36.22 15.62 -10.14
CA LYS A 476 36.92 14.79 -11.11
C LYS A 476 36.11 13.56 -11.53
N VAL A 477 35.55 12.84 -10.56
CA VAL A 477 34.79 11.63 -10.88
C VAL A 477 33.57 11.99 -11.71
N PHE A 478 32.85 13.02 -11.26
CA PHE A 478 31.65 13.49 -11.92
C PHE A 478 31.96 13.83 -13.37
N GLU A 479 32.98 14.68 -13.58
CA GLU A 479 33.33 15.09 -14.93
C GLU A 479 33.74 13.88 -15.77
N ASN A 480 34.50 12.95 -15.17
CA ASN A 480 34.90 11.74 -15.88
C ASN A 480 33.68 10.97 -16.36
N ALA A 481 32.56 11.07 -15.63
CA ALA A 481 31.36 10.36 -16.06
C ALA A 481 30.68 11.15 -17.18
N LEU A 482 30.70 12.48 -17.05
CA LEU A 482 30.00 13.38 -17.96
C LEU A 482 30.70 13.50 -19.31
N ALA A 483 31.97 13.07 -19.41
CA ALA A 483 32.78 13.31 -20.60
C ALA A 483 32.13 12.72 -21.85
N SER A 484 31.35 11.65 -21.70
CA SER A 484 30.75 10.99 -22.86
C SER A 484 29.68 11.86 -23.51
N LEU A 485 29.01 12.71 -22.73
CA LEU A 485 27.95 13.58 -23.23
C LEU A 485 28.48 14.70 -24.13
N SER A 486 27.92 15.91 -23.98
CA SER A 486 28.42 17.07 -24.72
C SER A 486 28.11 18.35 -23.96
N GLU A 487 28.92 19.37 -24.22
CA GLU A 487 28.81 20.72 -23.64
C GLU A 487 27.44 21.38 -23.74
N ASP A 488 26.41 20.60 -24.08
CA ASP A 488 25.03 21.04 -24.27
C ASP A 488 24.17 20.12 -23.41
N ASP A 489 24.61 18.90 -23.20
CA ASP A 489 23.90 17.98 -22.32
C ASP A 489 24.32 18.32 -20.90
N LYS A 490 25.59 18.70 -20.77
CA LYS A 490 26.16 19.11 -19.49
C LYS A 490 25.40 20.28 -18.90
N ASN A 491 24.61 20.97 -19.71
CA ASN A 491 23.98 22.23 -19.34
C ASN A 491 22.57 22.12 -18.78
N LEU A 492 21.98 20.94 -18.70
CA LEU A 492 20.66 20.79 -18.07
C LEU A 492 20.75 21.35 -16.65
N PRO A 493 19.80 22.18 -16.21
CA PRO A 493 19.88 22.76 -14.84
C PRO A 493 19.91 21.74 -13.71
N GLN A 494 19.47 20.50 -13.93
CA GLN A 494 19.55 19.47 -12.90
C GLN A 494 21.00 19.17 -12.52
N ILE A 495 21.90 19.31 -13.47
CA ILE A 495 23.32 19.07 -13.22
C ILE A 495 23.96 20.31 -12.65
N SER A 496 23.70 21.47 -13.26
CA SER A 496 24.44 22.63 -12.82
C SER A 496 24.08 22.92 -11.38
N ASN A 497 22.81 22.72 -10.99
CA ASN A 497 22.51 23.05 -9.61
C ASN A 497 22.50 21.80 -8.73
N ILE A 498 22.93 20.63 -9.23
CA ILE A 498 23.08 19.50 -8.34
C ILE A 498 24.54 19.45 -7.90
N LEU A 499 25.43 19.90 -8.80
CA LEU A 499 26.86 19.86 -8.53
C LEU A 499 27.28 20.59 -7.26
N PRO A 500 26.73 21.74 -6.90
CA PRO A 500 27.13 22.36 -5.63
C PRO A 500 26.73 21.55 -4.41
N LEU A 501 25.66 20.75 -4.50
CA LEU A 501 25.32 19.86 -3.39
C LEU A 501 26.35 18.73 -3.28
N LEU A 502 26.60 18.04 -4.40
CA LEU A 502 27.59 16.97 -4.39
C LEU A 502 28.88 17.50 -3.79
N ARG A 503 29.29 18.70 -4.23
CA ARG A 503 30.55 19.27 -3.75
C ARG A 503 30.54 19.43 -2.24
N LYS A 504 29.37 19.75 -1.66
CA LYS A 504 29.23 19.87 -0.22
C LYS A 504 29.09 18.53 0.50
N GLY A 505 29.06 17.41 -0.22
CA GLY A 505 28.92 16.10 0.39
C GLY A 505 27.50 15.69 0.70
N ILE A 506 26.52 16.25 0.00
CA ILE A 506 25.10 15.93 0.20
C ILE A 506 24.55 15.31 -1.08
N GLY A 507 23.97 14.11 -0.97
CA GLY A 507 23.43 13.52 -2.17
C GLY A 507 21.92 13.37 -2.14
N VAL A 508 21.33 13.20 -3.33
CA VAL A 508 19.91 12.93 -3.52
C VAL A 508 19.80 11.72 -4.45
N HIS A 509 18.72 10.95 -4.28
CA HIS A 509 18.50 9.77 -5.10
C HIS A 509 17.01 9.45 -5.12
N HIS A 510 16.41 9.50 -6.31
CA HIS A 510 15.00 9.18 -6.49
C HIS A 510 14.77 8.98 -7.98
N SER A 511 13.58 8.44 -8.30
CA SER A 511 13.35 7.99 -9.67
C SER A 511 13.16 9.14 -10.64
N GLY A 512 13.20 10.38 -10.16
CA GLY A 512 12.97 11.52 -11.01
C GLY A 512 14.25 12.01 -11.64
N LEU A 513 15.39 11.63 -11.05
CA LEU A 513 16.66 12.07 -11.60
C LEU A 513 16.95 11.34 -12.90
N LEU A 514 17.84 11.92 -13.70
CA LEU A 514 18.38 11.22 -14.86
C LEU A 514 19.07 9.93 -14.44
N PRO A 515 18.88 8.85 -15.21
CA PRO A 515 19.56 7.58 -14.90
C PRO A 515 21.06 7.78 -14.69
N ILE A 516 21.68 8.65 -15.50
CA ILE A 516 23.12 8.81 -15.42
C ILE A 516 23.49 9.43 -14.08
N LEU A 517 22.59 10.23 -13.50
CA LEU A 517 22.87 10.82 -12.20
C LEU A 517 22.64 9.79 -11.12
N LYS A 518 21.62 8.95 -11.28
CA LYS A 518 21.39 7.90 -10.31
C LYS A 518 22.66 7.07 -10.19
N GLU A 519 23.23 6.67 -11.33
CA GLU A 519 24.41 5.82 -11.29
C GLU A 519 25.60 6.60 -10.71
N THR A 520 25.86 7.81 -11.19
CA THR A 520 27.08 8.48 -10.74
C THR A 520 26.97 8.87 -9.26
N ILE A 521 25.76 9.12 -8.78
CA ILE A 521 25.55 9.46 -7.38
C ILE A 521 25.77 8.21 -6.53
N GLU A 522 25.23 7.07 -6.99
CA GLU A 522 25.52 5.79 -6.35
C GLU A 522 27.02 5.60 -6.24
N ILE A 523 27.73 5.82 -7.36
CA ILE A 523 29.18 5.64 -7.39
C ILE A 523 29.86 6.56 -6.39
N LEU A 524 29.46 7.83 -6.38
CA LEU A 524 30.12 8.77 -5.46
C LEU A 524 29.83 8.40 -4.02
N PHE A 525 28.72 7.70 -3.79
CA PHE A 525 28.36 7.28 -2.44
C PHE A 525 29.20 6.08 -2.02
N GLN A 526 29.40 5.14 -2.96
CA GLN A 526 30.17 3.93 -2.67
C GLN A 526 31.64 4.24 -2.42
N GLU A 527 32.18 5.27 -3.08
CA GLU A 527 33.58 5.63 -2.93
C GLU A 527 33.78 6.52 -1.71
N GLY A 528 32.70 6.77 -0.96
CA GLY A 528 32.75 7.48 0.29
C GLY A 528 32.86 8.97 0.15
N LEU A 529 32.41 9.54 -0.98
CA LEU A 529 32.51 10.97 -1.20
C LEU A 529 31.22 11.69 -0.81
N ILE A 530 30.16 10.96 -0.46
CA ILE A 530 28.88 11.55 -0.08
C ILE A 530 28.56 11.06 1.33
N LYS A 531 28.52 11.97 2.29
CA LYS A 531 28.38 11.58 3.68
C LYS A 531 26.91 11.48 4.10
N VAL A 532 26.02 12.22 3.44
CA VAL A 532 24.60 12.18 3.75
C VAL A 532 23.85 12.01 2.42
N LEU A 533 22.99 11.00 2.34
CA LEU A 533 22.25 10.70 1.12
C LEU A 533 20.74 10.66 1.39
N PHE A 534 20.02 11.59 0.78
CA PHE A 534 18.56 11.65 0.89
C PHE A 534 17.97 10.84 -0.27
N ALA A 535 17.21 9.78 0.05
CA ALA A 535 16.75 8.89 -1.00
C ALA A 535 15.35 8.39 -0.71
N THR A 536 14.64 8.06 -1.78
CA THR A 536 13.35 7.40 -1.70
C THR A 536 13.52 5.89 -1.53
N GLU A 537 12.37 5.21 -1.39
CA GLU A 537 12.38 3.80 -1.00
C GLU A 537 13.22 2.96 -1.96
N THR A 538 13.14 3.23 -3.26
CA THR A 538 13.75 2.33 -4.23
C THR A 538 15.24 2.15 -4.02
N PHE A 539 15.92 3.19 -3.49
CA PHE A 539 17.35 3.09 -3.24
C PHE A 539 17.67 1.99 -2.26
N SER A 540 16.70 1.62 -1.43
CA SER A 540 16.92 0.63 -0.39
C SER A 540 17.25 -0.71 -0.99
N ILE A 541 16.78 -0.97 -2.21
CA ILE A 541 17.06 -2.25 -2.83
C ILE A 541 18.20 -2.16 -3.83
N GLY A 542 18.97 -1.07 -3.82
CA GLY A 542 20.14 -1.02 -4.68
C GLY A 542 21.21 -2.00 -4.23
N LEU A 543 22.15 -2.28 -5.14
CA LEU A 543 23.16 -3.31 -4.91
C LEU A 543 24.36 -2.79 -4.13
N ASN A 544 24.66 -3.42 -2.99
CA ASN A 544 25.88 -3.17 -2.23
C ASN A 544 26.14 -1.69 -1.93
N MET A 545 25.17 -1.02 -1.31
CA MET A 545 25.30 0.41 -1.02
C MET A 545 24.81 0.74 0.39
N PRO A 546 25.38 0.13 1.43
CA PRO A 546 24.91 0.39 2.78
C PRO A 546 25.58 1.62 3.39
N ALA A 547 25.08 2.02 4.56
CA ALA A 547 25.64 3.12 5.33
C ALA A 547 25.77 2.73 6.80
N ARG A 548 26.37 3.64 7.60
CA ARG A 548 26.45 3.44 9.04
C ARG A 548 25.12 3.73 9.74
N THR A 549 24.39 4.73 9.26
CA THR A 549 23.16 5.18 9.90
C THR A 549 22.05 5.28 8.85
N VAL A 550 20.82 4.98 9.29
CA VAL A 550 19.63 5.10 8.45
C VAL A 550 18.59 5.89 9.23
N VAL A 551 18.05 6.94 8.60
CA VAL A 551 17.04 7.82 9.19
C VAL A 551 15.78 7.76 8.35
N PHE A 552 14.67 7.34 8.97
CA PHE A 552 13.34 7.45 8.38
C PHE A 552 12.75 8.82 8.71
N THR A 553 12.44 9.59 7.68
CA THR A 553 11.81 10.90 7.85
C THR A 553 10.34 10.80 8.24
N GLN A 554 9.74 9.63 8.12
CA GLN A 554 8.34 9.39 8.49
C GLN A 554 8.09 7.88 8.43
N VAL A 555 6.94 7.47 8.95
CA VAL A 555 6.61 6.05 8.94
C VAL A 555 5.18 5.88 8.44
N THR A 556 4.70 6.85 7.66
CA THR A 556 3.41 6.77 7.00
C THR A 556 3.57 6.77 5.49
N LYS A 557 2.98 5.78 4.81
CA LYS A 557 3.01 5.79 3.36
C LYS A 557 1.58 5.63 2.86
N TRP A 558 1.22 6.36 1.80
CA TRP A 558 -0.07 6.16 1.15
C TRP A 558 -0.06 4.91 0.29
N ASP A 559 -1.02 4.00 0.53
CA ASP A 559 -1.29 2.93 -0.42
C ASP A 559 -2.35 3.31 -1.46
N GLY A 560 -2.80 4.56 -1.45
CA GLY A 560 -3.92 5.01 -2.26
C GLY A 560 -4.74 5.90 -1.37
N GLN A 561 -6.05 5.71 -1.29
CA GLN A 561 -6.81 6.56 -0.38
C GLN A 561 -6.78 5.95 1.03
N GLN A 562 -5.55 5.78 1.52
CA GLN A 562 -5.31 5.27 2.85
C GLN A 562 -3.86 5.55 3.22
N ARG A 563 -3.61 5.64 4.53
CA ARG A 563 -2.31 5.92 5.14
C ARG A 563 -1.84 4.75 6.01
N ARG A 564 -0.95 3.96 5.48
CA ARG A 564 -0.40 2.71 6.01
C ARG A 564 0.83 2.99 6.88
N PRO A 565 0.84 2.46 8.10
CA PRO A 565 2.10 2.20 8.81
C PRO A 565 2.85 1.05 8.16
N LEU A 566 4.01 1.41 7.60
CA LEU A 566 4.93 0.50 6.90
C LEU A 566 5.08 -0.85 7.58
N THR A 567 4.93 -1.90 6.77
CA THR A 567 5.00 -3.29 7.19
C THR A 567 6.39 -3.62 7.74
N SER A 568 6.43 -4.71 8.51
CA SER A 568 7.70 -5.22 9.01
C SER A 568 8.67 -5.49 7.86
N SER A 569 8.22 -6.19 6.82
CA SER A 569 9.10 -6.51 5.71
C SER A 569 9.74 -5.26 5.13
N GLU A 570 8.99 -4.14 5.08
CA GLU A 570 9.57 -2.94 4.52
C GLU A 570 10.65 -2.43 5.47
N TYR A 571 10.38 -2.50 6.78
CA TYR A 571 11.34 -2.03 7.77
C TYR A 571 12.64 -2.82 7.65
N ILE A 572 12.52 -4.14 7.56
CA ILE A 572 13.68 -5.00 7.37
C ILE A 572 14.45 -4.57 6.12
N GLN A 573 13.76 -4.54 4.97
CA GLN A 573 14.43 -4.25 3.71
C GLN A 573 15.16 -2.91 3.73
N MET A 574 14.50 -1.85 4.24
CA MET A 574 15.17 -0.55 4.31
C MET A 574 16.29 -0.53 5.35
N ALA A 575 16.00 -1.03 6.55
CA ALA A 575 16.98 -1.02 7.64
C ALA A 575 18.18 -1.91 7.36
N GLY A 576 18.06 -2.87 6.44
CA GLY A 576 19.19 -3.71 6.13
C GLY A 576 20.32 -2.98 5.46
N ARG A 577 20.09 -1.75 5.02
CA ARG A 577 21.13 -0.97 4.39
C ARG A 577 21.99 -0.26 5.42
N ALA A 578 21.75 -0.51 6.71
CA ALA A 578 22.58 0.05 7.76
C ALA A 578 23.55 -1.02 8.23
N GLY A 579 24.79 -0.60 8.49
CA GLY A 579 25.78 -1.54 8.99
C GLY A 579 26.64 -2.02 7.85
N ARG A 580 27.87 -1.54 7.72
CA ARG A 580 28.71 -1.95 6.60
C ARG A 580 29.62 -3.07 7.10
N ARG A 581 29.45 -4.25 6.52
CA ARG A 581 30.08 -5.48 7.00
C ARG A 581 31.54 -5.29 7.39
N GLY A 582 32.33 -4.69 6.49
CA GLY A 582 33.76 -4.57 6.77
C GLY A 582 34.09 -3.55 7.82
N LEU A 583 33.43 -2.38 7.77
CA LEU A 583 33.98 -1.16 8.34
C LEU A 583 33.26 -0.64 9.57
N ASP A 584 32.15 -1.25 9.98
CA ASP A 584 31.35 -0.69 11.06
C ASP A 584 31.12 -1.72 12.14
N ASP A 585 31.20 -1.28 13.40
CA ASP A 585 30.90 -2.20 14.49
C ASP A 585 29.42 -2.49 14.58
N ARG A 586 28.57 -1.51 14.26
CA ARG A 586 27.13 -1.68 14.36
C ARG A 586 26.44 -0.71 13.41
N GLY A 587 25.16 -0.97 13.14
CA GLY A 587 24.34 -0.05 12.37
C GLY A 587 23.40 0.72 13.29
N ILE A 588 23.29 2.02 13.05
CA ILE A 588 22.45 2.92 13.84
C ILE A 588 21.24 3.28 13.01
N VAL A 589 20.04 2.99 13.52
CA VAL A 589 18.80 3.27 12.79
C VAL A 589 17.97 4.24 13.62
N ILE A 590 17.66 5.41 13.05
CA ILE A 590 16.95 6.46 13.76
C ILE A 590 15.66 6.74 12.99
N MET A 591 14.54 6.46 13.62
CA MET A 591 13.22 6.69 13.03
C MET A 591 12.55 7.96 13.57
N MET A 592 12.38 8.96 12.71
CA MET A 592 11.68 10.17 13.13
C MET A 592 10.22 9.75 13.20
N VAL A 593 9.52 10.14 14.27
CA VAL A 593 8.14 9.69 14.41
C VAL A 593 7.12 10.77 14.11
N ASP A 594 5.95 10.30 13.69
CA ASP A 594 4.78 11.09 13.39
C ASP A 594 4.24 11.76 14.65
N ASP A 595 3.57 12.90 14.45
CA ASP A 595 3.07 13.71 15.55
C ASP A 595 2.09 12.92 16.42
N LYS A 596 1.46 11.90 15.85
CA LYS A 596 0.48 11.06 16.53
C LYS A 596 0.70 9.63 16.05
N LEU A 597 0.67 8.68 16.99
CA LEU A 597 1.03 7.30 16.68
C LEU A 597 0.67 6.45 17.91
N GLU A 598 -0.08 5.36 17.69
CA GLU A 598 -0.40 4.37 18.73
C GLU A 598 0.69 3.29 18.81
N PRO A 599 0.94 2.81 20.03
CA PRO A 599 2.07 1.87 20.27
C PRO A 599 2.00 0.52 19.58
N GLU A 600 0.85 -0.14 19.53
CA GLU A 600 0.80 -1.48 18.93
C GLU A 600 1.36 -1.52 17.52
N THR A 601 1.10 -0.48 16.71
CA THR A 601 1.60 -0.50 15.34
C THR A 601 3.12 -0.37 15.30
N ALA A 602 3.67 0.61 16.01
CA ALA A 602 5.12 0.80 16.08
C ALA A 602 5.80 -0.46 16.62
N ARG A 603 5.25 -1.01 17.70
CA ARG A 603 5.84 -2.22 18.28
C ARG A 603 5.82 -3.33 17.25
N ALA A 604 4.73 -3.44 16.49
CA ALA A 604 4.65 -4.49 15.50
C ALA A 604 5.77 -4.30 14.48
N ILE A 605 6.09 -3.05 14.15
CA ILE A 605 7.11 -2.79 13.13
C ILE A 605 8.50 -3.14 13.68
N VAL A 606 8.88 -2.53 14.80
CA VAL A 606 10.26 -2.70 15.30
C VAL A 606 10.60 -4.09 15.85
N VAL A 607 9.61 -4.88 16.25
CA VAL A 607 9.85 -6.28 16.64
C VAL A 607 9.39 -7.10 15.44
N GLY A 608 9.48 -6.46 14.28
CA GLY A 608 9.01 -6.98 13.01
C GLY A 608 9.03 -8.46 12.80
N ASN A 609 7.83 -8.97 12.53
CA ASN A 609 7.65 -10.32 12.04
C ASN A 609 7.40 -10.13 10.55
N GLN A 610 8.05 -10.97 9.75
CA GLN A 610 7.96 -10.76 8.32
C GLN A 610 6.59 -11.17 7.81
N ASP A 611 6.21 -10.59 6.68
CA ASP A 611 4.88 -10.84 6.17
C ASP A 611 4.96 -12.10 5.35
N LYS A 612 3.83 -12.78 5.23
CA LYS A 612 3.76 -13.94 4.37
C LYS A 612 4.15 -13.56 2.94
N LEU A 613 4.50 -14.57 2.16
CA LEU A 613 4.69 -14.41 0.73
C LEU A 613 3.39 -14.96 0.17
N ASN A 614 2.38 -14.09 0.12
CA ASN A 614 1.06 -14.45 -0.36
C ASN A 614 0.93 -14.07 -1.82
N SER A 615 0.45 -15.02 -2.62
CA SER A 615 0.31 -14.82 -4.05
C SER A 615 -0.59 -13.62 -4.35
N ALA A 616 -0.25 -12.90 -5.41
CA ALA A 616 -1.05 -11.78 -5.90
C ALA A 616 -1.50 -12.06 -7.33
N PHE A 617 -1.73 -13.34 -7.63
CA PHE A 617 -2.09 -13.78 -8.96
C PHE A 617 -3.33 -13.04 -9.43
N HIS A 618 -3.40 -12.76 -10.73
CA HIS A 618 -4.61 -12.28 -11.35
C HIS A 618 -4.52 -12.54 -12.85
N LEU A 619 -5.66 -12.84 -13.45
CA LEU A 619 -5.72 -13.15 -14.86
C LEU A 619 -5.37 -11.95 -15.74
N GLY A 620 -4.78 -12.24 -16.88
CA GLY A 620 -4.37 -11.22 -17.82
C GLY A 620 -4.63 -11.72 -19.23
N TYR A 621 -4.84 -10.78 -20.16
CA TYR A 621 -5.27 -11.16 -21.50
C TYR A 621 -4.16 -11.87 -22.27
N ASN A 622 -2.93 -11.38 -22.14
CA ASN A 622 -1.80 -12.03 -22.80
C ASN A 622 -1.64 -13.46 -22.29
N MET A 623 -1.82 -13.65 -20.98
CA MET A 623 -1.78 -14.96 -20.34
C MET A 623 -2.76 -15.94 -20.99
N VAL A 624 -4.06 -15.72 -20.75
CA VAL A 624 -5.14 -16.52 -21.33
C VAL A 624 -4.91 -16.82 -22.80
N LEU A 625 -4.70 -15.76 -23.61
CA LEU A 625 -4.52 -15.96 -25.04
C LEU A 625 -3.37 -16.90 -25.34
N ASN A 626 -2.24 -16.72 -24.64
CA ASN A 626 -1.08 -17.56 -24.93
C ASN A 626 -1.34 -19.01 -24.52
N LEU A 627 -1.96 -19.21 -23.35
CA LEU A 627 -2.27 -20.57 -22.92
C LEU A 627 -3.15 -21.28 -23.94
N LEU A 628 -4.20 -20.59 -24.40
CA LEU A 628 -5.08 -21.14 -25.43
C LEU A 628 -4.31 -21.47 -26.70
N ARG A 629 -3.30 -20.66 -27.04
CA ARG A 629 -2.61 -20.80 -28.32
C ARG A 629 -1.81 -22.09 -28.44
N ILE A 630 -1.34 -22.65 -27.33
CA ILE A 630 -0.38 -23.76 -27.42
C ILE A 630 -1.07 -25.08 -27.14
N GLU A 631 -0.77 -26.07 -27.99
CA GLU A 631 -1.57 -27.28 -28.12
C GLU A 631 -1.75 -28.03 -26.80
N ALA A 632 -0.66 -28.22 -26.06
CA ALA A 632 -0.63 -29.18 -24.95
C ALA A 632 -0.90 -28.57 -23.57
N ILE A 633 -1.26 -27.29 -23.47
CA ILE A 633 -1.48 -26.67 -22.17
C ILE A 633 -2.75 -25.81 -22.24
N SER A 634 -3.27 -25.44 -21.06
CA SER A 634 -4.57 -24.77 -21.01
C SER A 634 -4.64 -23.83 -19.83
N PRO A 635 -5.48 -22.78 -19.90
CA PRO A 635 -5.74 -21.91 -18.73
C PRO A 635 -6.17 -22.63 -17.46
N GLU A 636 -7.07 -23.62 -17.59
CA GLU A 636 -7.57 -24.34 -16.42
C GLU A 636 -6.43 -25.01 -15.68
N TYR A 637 -5.47 -25.54 -16.44
CA TYR A 637 -4.24 -26.07 -15.86
C TYR A 637 -3.59 -25.02 -14.95
N MET A 638 -3.30 -23.85 -15.53
CA MET A 638 -2.63 -22.78 -14.79
C MET A 638 -3.34 -22.44 -13.49
N LEU A 639 -4.66 -22.25 -13.54
CA LEU A 639 -5.42 -22.04 -12.30
C LEU A 639 -5.22 -23.18 -11.32
N GLU A 640 -5.34 -24.43 -11.79
CA GLU A 640 -5.24 -25.56 -10.87
C GLU A 640 -3.88 -25.59 -10.17
N ARG A 641 -2.81 -25.22 -10.88
CA ARG A 641 -1.46 -25.33 -10.36
C ARG A 641 -0.93 -24.05 -9.73
N CYS A 642 -1.73 -22.99 -9.70
CA CYS A 642 -1.32 -21.69 -9.18
C CYS A 642 -0.98 -21.72 -7.68
N PHE A 643 0.06 -20.95 -7.30
CA PHE A 643 0.36 -20.77 -5.87
C PHE A 643 -0.80 -20.18 -5.08
N PHE A 644 -1.51 -19.21 -5.66
CA PHE A 644 -2.68 -18.62 -5.01
C PHE A 644 -3.63 -19.74 -4.61
N GLN A 645 -4.01 -20.56 -5.60
CA GLN A 645 -4.90 -21.67 -5.35
C GLN A 645 -4.32 -22.61 -4.30
N PHE A 646 -3.00 -22.84 -4.31
CA PHE A 646 -2.43 -23.71 -3.29
C PHE A 646 -2.69 -23.13 -1.90
N GLN A 647 -2.50 -21.81 -1.74
CA GLN A 647 -2.73 -21.18 -0.45
C GLN A 647 -4.22 -21.22 -0.11
N ASN A 648 -5.05 -21.31 -1.14
CA ASN A 648 -6.48 -21.46 -0.94
C ASN A 648 -6.75 -22.84 -0.38
N ALA A 649 -6.34 -23.88 -1.12
CA ALA A 649 -6.59 -25.26 -0.76
C ALA A 649 -6.03 -25.57 0.62
N ALA A 650 -5.12 -24.72 1.10
CA ALA A 650 -4.60 -24.81 2.46
C ALA A 650 -5.57 -24.13 3.42
N SER A 651 -6.08 -22.96 3.05
CA SER A 651 -6.88 -22.13 3.95
C SER A 651 -8.27 -22.73 4.15
N VAL A 652 -8.84 -23.28 3.07
CA VAL A 652 -10.24 -23.75 3.07
C VAL A 652 -10.64 -24.63 4.25
N PRO A 653 -9.92 -25.70 4.61
CA PRO A 653 -10.44 -26.50 5.74
C PRO A 653 -10.53 -25.70 7.05
N GLN A 654 -9.60 -24.76 7.28
CA GLN A 654 -9.69 -23.92 8.46
C GLN A 654 -10.95 -23.06 8.41
N LEU A 655 -11.29 -22.59 7.21
CA LEU A 655 -12.40 -21.67 7.06
C LEU A 655 -13.73 -22.41 7.16
N GLU A 656 -13.82 -23.59 6.55
CA GLU A 656 -15.05 -24.36 6.68
C GLU A 656 -15.25 -24.77 8.14
N ARG A 657 -14.14 -24.91 8.88
CA ARG A 657 -14.25 -25.22 10.31
C ARG A 657 -14.74 -24.00 11.09
N GLU A 658 -14.33 -22.81 10.67
CA GLU A 658 -14.78 -21.61 11.36
C GLU A 658 -16.26 -21.42 11.08
N LEU A 659 -16.63 -21.53 9.80
CA LEU A 659 -18.03 -21.41 9.39
C LEU A 659 -18.90 -22.33 10.22
N ILE A 660 -18.49 -23.61 10.34
CA ILE A 660 -19.30 -24.57 11.08
C ILE A 660 -19.41 -24.16 12.54
N SER A 661 -18.32 -23.65 13.13
CA SER A 661 -18.39 -23.19 14.52
C SER A 661 -19.36 -22.02 14.67
N LEU A 662 -19.38 -21.12 13.69
CA LEU A 662 -20.30 -19.99 13.73
C LEU A 662 -21.73 -20.47 13.59
N GLN A 663 -21.99 -21.34 12.61
CA GLN A 663 -23.34 -21.87 12.40
C GLN A 663 -23.84 -22.50 13.70
N GLN A 664 -22.97 -23.26 14.38
CA GLN A 664 -23.36 -23.90 15.63
C GLN A 664 -23.71 -22.85 16.68
N GLU A 665 -22.93 -21.77 16.75
CA GLU A 665 -23.22 -20.74 17.75
C GLU A 665 -24.55 -20.07 17.42
N ARG A 666 -24.81 -19.84 16.14
CA ARG A 666 -26.05 -19.22 15.70
C ARG A 666 -27.24 -20.09 16.06
N ASP A 667 -27.31 -21.29 15.48
CA ASP A 667 -28.37 -22.27 15.72
C ASP A 667 -28.57 -22.58 17.20
N ALA A 668 -27.54 -22.36 18.03
CA ALA A 668 -27.59 -22.57 19.48
C ALA A 668 -28.09 -21.38 20.29
N ILE A 669 -27.85 -20.15 19.84
CA ILE A 669 -28.29 -18.95 20.56
C ILE A 669 -29.75 -18.57 20.29
N ILE A 670 -30.44 -19.29 19.40
CA ILE A 670 -31.82 -18.99 19.03
C ILE A 670 -32.81 -19.30 20.14
N ILE A 671 -32.63 -18.66 21.28
CA ILE A 671 -33.51 -18.83 22.43
C ILE A 671 -34.12 -17.50 22.89
N PRO A 672 -34.24 -16.45 22.03
CA PRO A 672 -34.92 -15.24 22.52
C PRO A 672 -36.43 -15.23 22.28
N ASP A 673 -36.89 -16.00 21.29
CA ASP A 673 -38.30 -16.06 20.90
C ASP A 673 -38.84 -14.68 20.56
N GLU A 674 -40.15 -14.63 20.30
CA GLU A 674 -40.89 -13.45 19.87
C GLU A 674 -40.39 -12.86 18.55
N SER A 675 -41.25 -12.08 17.89
CA SER A 675 -40.86 -11.21 16.79
C SER A 675 -41.04 -9.76 17.17
N ILE A 676 -41.56 -9.48 18.36
CA ILE A 676 -41.58 -8.13 18.89
C ILE A 676 -40.17 -7.62 19.15
N VAL A 677 -39.21 -8.51 19.41
CA VAL A 677 -37.83 -8.07 19.59
C VAL A 677 -37.33 -7.37 18.33
N LYS A 678 -37.52 -8.00 17.17
CA LYS A 678 -37.11 -7.41 15.89
C LYS A 678 -37.67 -6.01 15.73
N ASP A 679 -38.96 -5.84 16.07
CA ASP A 679 -39.58 -4.52 16.02
C ASP A 679 -38.85 -3.59 16.98
N TYR A 680 -38.57 -4.08 18.19
CA TYR A 680 -37.88 -3.26 19.17
C TYR A 680 -36.55 -2.76 18.63
N TYR A 681 -35.76 -3.65 18.04
CA TYR A 681 -34.44 -3.24 17.53
C TYR A 681 -34.62 -2.16 16.48
N GLY A 682 -35.51 -2.41 15.52
CA GLY A 682 -35.73 -1.45 14.45
C GLY A 682 -36.12 -0.09 15.00
N VAL A 683 -37.04 -0.09 15.97
CA VAL A 683 -37.53 1.15 16.55
C VAL A 683 -36.39 1.85 17.27
N ARG A 684 -35.71 1.13 18.16
CA ARG A 684 -34.61 1.72 18.92
C ARG A 684 -33.63 2.44 17.99
N GLN A 685 -33.16 1.74 16.93
CA GLN A 685 -32.17 2.40 16.07
C GLN A 685 -32.80 3.58 15.35
N GLN A 686 -34.08 3.47 14.98
CA GLN A 686 -34.73 4.56 14.30
C GLN A 686 -34.80 5.78 15.21
N LEU A 687 -35.14 5.54 16.48
CA LEU A 687 -35.18 6.62 17.46
C LEU A 687 -33.80 7.23 17.63
N GLU A 688 -32.77 6.42 17.87
CA GLU A 688 -31.45 7.01 18.02
C GLU A 688 -31.11 7.93 16.86
N GLU A 689 -31.37 7.50 15.62
CA GLU A 689 -31.06 8.36 14.49
C GLU A 689 -31.93 9.62 14.43
N TYR A 690 -33.24 9.47 14.69
CA TYR A 690 -34.12 10.63 14.60
C TYR A 690 -33.90 11.56 15.77
N ASN A 691 -33.71 11.00 16.96
CA ASN A 691 -33.42 11.78 18.15
C ASN A 691 -32.13 12.54 17.96
N LYS A 692 -31.18 11.94 17.24
CA LYS A 692 -29.96 12.67 16.96
C LYS A 692 -30.27 13.83 16.04
N ASP A 693 -31.18 13.61 15.09
CA ASP A 693 -31.60 14.71 14.23
C ASP A 693 -32.25 15.81 15.07
N MET A 694 -33.14 15.43 15.98
CA MET A 694 -33.81 16.40 16.84
C MET A 694 -32.83 17.19 17.70
N VAL A 695 -31.88 16.51 18.37
CA VAL A 695 -30.93 17.28 19.18
C VAL A 695 -30.20 18.25 18.25
N PHE A 696 -29.73 17.71 17.12
CA PHE A 696 -29.02 18.49 16.13
C PHE A 696 -29.93 19.63 15.69
N VAL A 697 -29.33 20.74 15.28
CA VAL A 697 -30.10 21.92 14.90
C VAL A 697 -30.93 22.53 16.03
N ILE A 698 -31.73 21.72 16.74
CA ILE A 698 -32.65 22.37 17.67
C ILE A 698 -31.89 22.87 18.89
N GLN A 699 -30.75 22.29 19.22
CA GLN A 699 -30.00 22.84 20.35
C GLN A 699 -28.98 23.85 19.88
N HIS A 700 -28.86 24.04 18.56
CA HIS A 700 -27.93 25.02 18.03
C HIS A 700 -28.34 26.47 18.28
N PRO A 701 -27.40 27.32 18.71
CA PRO A 701 -27.74 28.71 19.07
C PRO A 701 -28.48 29.48 17.99
N GLN A 702 -28.33 29.09 16.72
CA GLN A 702 -28.94 29.86 15.64
C GLN A 702 -30.45 29.78 15.63
N ASN A 703 -31.04 28.75 16.21
CA ASN A 703 -32.49 28.68 16.16
C ASN A 703 -33.08 29.02 17.52
N CYS A 704 -32.38 28.52 18.56
CA CYS A 704 -32.71 28.37 19.96
C CYS A 704 -32.38 29.57 20.87
N LEU A 705 -31.33 30.30 20.52
CA LEU A 705 -30.71 31.28 21.41
C LEU A 705 -31.56 32.46 21.86
N GLY A 706 -31.79 33.41 20.96
CA GLY A 706 -32.55 34.61 21.28
C GLY A 706 -33.47 34.69 22.50
N PHE A 707 -34.13 33.58 22.79
CA PHE A 707 -35.05 33.48 23.91
C PHE A 707 -34.26 33.31 25.20
N PHE A 708 -33.38 34.25 25.55
CA PHE A 708 -32.74 34.03 26.84
C PHE A 708 -33.10 35.05 27.92
N GLN A 709 -34.39 35.22 28.14
CA GLN A 709 -34.88 36.09 29.19
C GLN A 709 -34.72 35.37 30.54
N GLU A 710 -34.67 36.16 31.60
CA GLU A 710 -34.58 35.60 32.94
C GLU A 710 -35.95 35.13 33.41
N GLY A 711 -35.99 33.89 33.92
CA GLY A 711 -37.20 33.28 34.41
C GLY A 711 -37.95 32.41 33.41
N ARG A 712 -37.60 32.48 32.13
CA ARG A 712 -38.28 31.67 31.13
C ARG A 712 -38.19 30.20 31.52
N LEU A 713 -39.33 29.48 31.51
CA LEU A 713 -39.34 28.05 31.79
C LEU A 713 -38.89 27.24 30.59
N ILE A 714 -37.86 26.40 30.76
CA ILE A 714 -37.36 25.50 29.72
C ILE A 714 -37.31 24.06 30.25
N HIS A 715 -37.59 23.14 29.33
CA HIS A 715 -37.56 21.69 29.50
C HIS A 715 -36.21 21.12 29.09
N ILE A 716 -35.60 20.26 29.93
CA ILE A 716 -34.22 19.85 29.73
C ILE A 716 -34.27 18.45 29.12
N LYS A 717 -33.46 18.27 28.07
CA LYS A 717 -33.27 16.98 27.39
C LYS A 717 -32.67 15.92 28.27
N SER A 718 -31.83 16.30 29.24
CA SER A 718 -31.06 15.33 30.02
C SER A 718 -30.01 14.64 29.14
N PRO A 719 -28.81 14.35 29.70
CA PRO A 719 -27.70 13.82 28.88
C PRO A 719 -28.08 12.76 27.86
N SER A 720 -28.46 11.58 28.33
CA SER A 720 -28.83 10.49 27.42
C SER A 720 -30.31 10.60 27.05
N GLY A 721 -31.18 10.26 27.98
CA GLY A 721 -32.60 10.30 27.72
C GLY A 721 -33.50 10.34 28.94
N VAL A 722 -33.09 11.04 30.02
CA VAL A 722 -33.85 10.95 31.25
C VAL A 722 -34.68 12.24 31.25
N ASP A 723 -35.20 12.69 32.38
CA ASP A 723 -36.10 13.85 32.31
C ASP A 723 -36.15 14.59 33.63
N TYR A 724 -35.52 15.77 33.68
CA TYR A 724 -35.49 16.63 34.86
C TYR A 724 -36.64 17.65 34.92
N GLY A 725 -37.59 17.57 34.00
CA GLY A 725 -38.75 18.42 33.78
C GLY A 725 -38.43 19.88 33.51
N TRP A 726 -39.38 20.74 33.85
CA TRP A 726 -39.28 22.16 33.50
C TRP A 726 -38.48 22.95 34.55
N GLY A 727 -37.52 23.76 34.10
CA GLY A 727 -36.72 24.57 34.97
C GLY A 727 -36.63 26.01 34.48
N VAL A 728 -36.48 26.95 35.42
CA VAL A 728 -36.47 28.37 35.05
C VAL A 728 -35.03 28.76 34.69
N LEU A 729 -34.85 29.49 33.59
CA LEU A 729 -33.48 29.84 33.24
C LEU A 729 -33.04 30.91 34.24
N ILE A 730 -31.83 30.79 34.76
CA ILE A 730 -31.22 31.81 35.62
C ILE A 730 -30.28 32.73 34.87
N LYS A 731 -29.37 32.15 34.09
CA LYS A 731 -28.48 32.91 33.23
C LYS A 731 -27.91 31.97 32.19
N HIS A 732 -27.09 32.54 31.32
CA HIS A 732 -26.39 31.80 30.28
C HIS A 732 -25.02 32.41 30.00
N ILE A 733 -24.01 31.55 30.07
CA ILE A 733 -22.62 31.91 29.85
C ILE A 733 -22.07 31.00 28.74
N GLN A 734 -21.00 31.46 28.10
CA GLN A 734 -20.34 30.75 27.03
C GLN A 734 -18.84 30.83 27.25
N ARG A 735 -18.17 29.67 27.28
CA ARG A 735 -16.74 29.65 27.51
C ARG A 735 -16.05 29.19 26.23
N GLN A 736 -15.04 29.93 25.80
CA GLN A 736 -14.30 29.65 24.58
C GLN A 736 -12.83 29.38 24.91
N THR A 737 -12.30 28.24 24.47
CA THR A 737 -10.91 27.91 24.74
C THR A 737 -10.31 27.12 23.57
N PRO A 744 -14.85 23.22 24.66
CA PRO A 744 -16.24 23.46 24.25
C PRO A 744 -16.38 23.65 22.75
N TYR A 745 -16.03 22.63 21.97
CA TYR A 745 -16.05 22.67 20.52
C TYR A 745 -17.25 22.36 19.60
N PRO A 746 -18.17 21.43 19.87
CA PRO A 746 -19.36 21.42 18.99
C PRO A 746 -20.17 22.70 19.07
N GLU A 747 -20.97 22.93 18.02
CA GLU A 747 -21.78 24.13 18.02
C GLU A 747 -22.79 24.11 19.16
N GLN A 748 -23.51 23.00 19.28
CA GLN A 748 -24.46 22.86 20.38
C GLN A 748 -23.80 22.84 21.74
N GLU A 749 -22.57 22.33 21.83
CA GLU A 749 -21.93 22.17 23.13
C GLU A 749 -20.96 23.31 23.37
N SER A 750 -21.48 24.42 23.86
CA SER A 750 -20.63 25.60 23.91
C SER A 750 -21.22 26.60 24.88
N TYR A 751 -22.50 26.89 24.73
CA TYR A 751 -23.15 27.78 25.66
C TYR A 751 -23.57 26.95 26.87
N VAL A 752 -23.39 27.50 28.07
CA VAL A 752 -23.78 26.87 29.33
C VAL A 752 -24.98 27.61 29.90
N LEU A 753 -26.00 26.87 30.32
CA LEU A 753 -27.18 27.47 30.94
C LEU A 753 -27.34 27.01 32.38
N ASP A 754 -27.47 27.98 33.28
CA ASP A 754 -27.77 27.70 34.68
C ASP A 754 -29.28 27.72 34.74
N VAL A 755 -29.89 26.63 35.19
CA VAL A 755 -31.34 26.54 35.29
C VAL A 755 -31.69 26.09 36.69
N LEU A 756 -32.87 26.47 37.18
CA LEU A 756 -33.29 25.95 38.46
C LEU A 756 -34.05 24.67 38.13
N LEU A 757 -33.62 23.58 38.71
CA LEU A 757 -34.26 22.28 38.61
C LEU A 757 -34.66 21.70 39.95
N LYS A 758 -35.67 20.83 39.89
CA LYS A 758 -36.25 20.18 41.06
C LYS A 758 -35.37 18.94 41.28
N VAL A 759 -34.20 19.21 41.85
CA VAL A 759 -33.18 18.21 42.14
C VAL A 759 -33.43 17.48 43.45
N SER A 760 -33.06 16.19 43.47
CA SER A 760 -33.27 15.33 44.64
C SER A 760 -31.94 14.75 45.09
N GLY A 761 -31.35 13.85 44.30
CA GLY A 761 -30.08 13.21 44.59
C GLY A 761 -28.83 14.04 44.77
N ASP A 762 -28.86 15.13 45.55
CA ASP A 762 -27.62 15.84 45.88
C ASP A 762 -27.24 15.50 47.32
N PHE A 763 -25.99 15.12 47.58
CA PHE A 763 -24.87 14.76 46.66
C PHE A 763 -24.29 15.76 45.66
N ASN A 764 -23.16 15.35 45.07
CA ASN A 764 -22.40 16.01 44.02
C ASN A 764 -23.24 16.83 43.05
N PRO A 765 -22.84 18.09 42.79
CA PRO A 765 -21.79 18.79 43.53
C PRO A 765 -22.34 19.54 44.74
N LYS A 766 -21.72 20.68 45.06
CA LYS A 766 -22.11 21.52 46.17
C LYS A 766 -22.88 22.68 45.55
N THR A 767 -22.14 23.60 44.94
CA THR A 767 -22.71 24.71 44.19
C THR A 767 -22.25 24.66 42.75
N ARG A 768 -20.93 24.67 42.53
CA ARG A 768 -20.34 25.00 41.24
C ARG A 768 -19.60 23.83 40.61
N GLY A 769 -19.23 22.83 41.42
CA GLY A 769 -18.63 21.59 40.97
C GLY A 769 -19.16 21.07 39.65
N GLU A 770 -18.25 20.85 38.70
CA GLU A 770 -18.51 20.18 37.43
C GLU A 770 -19.32 21.10 36.51
N GLY A 771 -19.04 21.08 35.22
CA GLY A 771 -18.11 20.17 34.60
C GLY A 771 -18.78 19.47 33.43
N PRO A 772 -18.45 18.21 33.22
CA PRO A 772 -19.14 17.46 32.15
C PRO A 772 -20.48 16.90 32.56
N MET A 773 -21.58 17.65 32.31
CA MET A 773 -22.90 17.22 32.76
C MET A 773 -23.06 17.29 34.28
N PRO A 774 -24.24 17.75 34.76
CA PRO A 774 -24.54 17.77 36.20
C PRO A 774 -24.20 16.55 37.07
N GLU A 775 -23.82 15.42 36.44
CA GLU A 775 -23.29 14.26 37.18
C GLU A 775 -24.30 13.48 38.04
N GLY A 776 -24.04 13.59 39.34
CA GLY A 776 -24.76 12.96 40.45
C GLY A 776 -26.23 13.28 40.61
N ILE A 777 -26.65 14.45 40.14
CA ILE A 777 -28.06 14.89 40.23
C ILE A 777 -29.03 13.93 39.56
N MET A 778 -29.96 13.32 40.42
CA MET A 778 -31.04 12.40 40.06
C MET A 778 -32.32 13.22 39.94
N PRO A 779 -33.11 13.01 38.89
CA PRO A 779 -34.43 13.65 38.82
C PRO A 779 -35.42 13.14 39.85
N ALA A 780 -36.49 13.93 40.01
CA ALA A 780 -37.65 13.68 40.87
C ALA A 780 -37.31 13.34 42.33
N GLY A 781 -38.23 13.62 43.27
CA GLY A 781 -39.49 14.31 43.00
C GLY A 781 -40.64 13.33 43.07
N LYS A 782 -41.77 13.72 43.67
CA LYS A 782 -42.84 12.78 44.00
C LYS A 782 -42.37 11.79 45.07
N ASP A 783 -41.20 11.19 44.90
CA ASP A 783 -40.72 10.20 45.84
C ASP A 783 -39.59 10.80 46.66
N SER A 784 -39.74 12.09 46.93
CA SER A 784 -38.83 12.94 47.68
C SER A 784 -39.62 13.47 48.87
N LYS A 785 -39.00 13.69 50.03
CA LYS A 785 -37.57 13.70 50.39
C LYS A 785 -36.58 12.79 49.64
N ASN A 786 -35.52 13.42 49.12
CA ASN A 786 -35.25 14.82 49.43
C ASN A 786 -35.26 15.81 48.27
N ALA A 787 -36.38 16.45 48.01
CA ALA A 787 -36.43 17.38 46.89
C ALA A 787 -35.49 18.54 47.23
N ARG A 788 -34.98 19.23 46.21
CA ARG A 788 -34.27 20.44 46.59
C ARG A 788 -34.48 21.75 45.85
N TRP A 789 -34.64 21.71 44.53
CA TRP A 789 -34.73 22.97 43.76
C TRP A 789 -33.44 23.74 44.01
N GLU A 790 -32.63 23.77 42.97
CA GLU A 790 -31.34 24.42 42.99
C GLU A 790 -31.06 24.90 41.59
N VAL A 791 -30.03 25.71 41.45
CA VAL A 791 -29.62 26.19 40.15
C VAL A 791 -28.39 25.38 39.82
N VAL A 792 -28.55 24.52 38.83
CA VAL A 792 -27.53 23.61 38.36
C VAL A 792 -27.08 24.08 36.98
N PRO A 793 -25.84 23.86 36.65
CA PRO A 793 -25.32 24.18 35.32
C PRO A 793 -25.36 23.02 34.35
N CYS A 794 -25.87 23.25 33.14
CA CYS A 794 -25.90 22.22 32.12
C CYS A 794 -25.35 22.90 30.88
N LEU A 795 -24.92 22.11 29.89
CA LEU A 795 -24.56 22.74 28.63
C LEU A 795 -25.68 22.69 27.59
N LEU A 796 -25.47 23.50 26.54
CA LEU A 796 -26.44 23.64 25.48
C LEU A 796 -26.65 22.35 24.68
N ASN A 797 -25.75 21.36 24.74
CA ASN A 797 -26.06 20.15 24.01
C ASN A 797 -27.29 19.52 24.64
N CYS A 798 -27.50 19.85 25.92
CA CYS A 798 -28.55 19.30 26.76
C CYS A 798 -29.66 20.36 26.64
N LEU A 799 -30.78 20.01 26.03
CA LEU A 799 -31.82 21.04 25.99
C LEU A 799 -33.22 20.48 25.83
N ARG A 800 -33.74 20.55 24.60
CA ARG A 800 -35.06 20.07 24.15
C ARG A 800 -36.06 21.24 24.16
N ALA A 801 -37.28 21.03 24.64
CA ALA A 801 -38.27 22.10 24.69
C ALA A 801 -37.77 23.33 25.44
N LEU A 802 -38.34 24.48 25.07
CA LEU A 802 -38.06 25.79 25.66
C LEU A 802 -39.24 26.48 26.35
N GLY A 803 -40.48 26.04 26.12
CA GLY A 803 -41.77 26.61 26.52
C GLY A 803 -41.94 28.11 26.34
N GLN A 804 -43.19 28.60 26.41
CA GLN A 804 -43.51 30.00 26.17
C GLN A 804 -43.72 30.90 27.40
N LEU A 805 -43.26 30.54 28.61
CA LEU A 805 -43.56 31.41 29.74
C LEU A 805 -42.32 31.97 30.43
N ARG A 806 -42.49 33.17 31.02
CA ARG A 806 -41.52 33.78 31.91
C ARG A 806 -42.15 34.26 33.22
N VAL A 807 -41.58 33.84 34.35
CA VAL A 807 -41.89 34.36 35.67
C VAL A 807 -40.88 35.47 36.00
N PHE A 808 -41.28 36.40 36.86
CA PHE A 808 -40.32 37.35 37.45
C PHE A 808 -39.49 36.76 38.59
N LEU A 809 -38.09 36.71 38.40
CA LEU A 809 -37.34 36.08 39.47
C LEU A 809 -36.90 37.14 40.48
N PRO A 810 -36.76 36.85 41.77
CA PRO A 810 -36.26 37.88 42.68
C PRO A 810 -34.78 38.12 42.39
N LYS A 811 -34.31 39.32 42.73
CA LYS A 811 -32.92 39.65 42.44
C LYS A 811 -31.98 38.95 43.41
N ARG A 812 -32.45 38.65 44.60
CA ARG A 812 -31.69 38.02 45.67
C ARG A 812 -32.33 36.65 45.73
N LEU A 813 -31.79 35.73 44.93
CA LEU A 813 -32.32 34.38 44.81
C LEU A 813 -31.42 33.27 45.36
N GLU A 814 -30.98 33.40 46.62
CA GLU A 814 -30.07 32.42 47.24
C GLU A 814 -30.52 32.07 48.67
N SER A 815 -31.68 31.41 48.76
CA SER A 815 -32.21 31.04 50.06
C SER A 815 -33.14 29.84 49.87
N ALA A 816 -33.22 29.02 50.92
CA ALA A 816 -33.92 27.75 50.88
C ALA A 816 -35.36 27.87 50.37
N ASP A 817 -36.20 28.48 51.20
CA ASP A 817 -37.59 28.77 50.88
C ASP A 817 -37.80 29.58 49.61
N GLU A 818 -36.74 30.13 49.02
CA GLU A 818 -36.98 30.97 47.85
C GLU A 818 -36.61 30.23 46.59
N LYS A 819 -35.54 29.43 46.62
CA LYS A 819 -35.28 28.63 45.44
C LYS A 819 -36.47 27.69 45.33
N ASP A 820 -36.77 27.03 46.45
CA ASP A 820 -37.91 26.12 46.51
C ASP A 820 -39.21 26.87 46.23
N GLY A 821 -39.24 28.18 46.54
CA GLY A 821 -40.43 28.99 46.28
C GLY A 821 -40.71 29.18 44.80
N VAL A 822 -39.67 29.49 44.02
CA VAL A 822 -39.86 29.55 42.58
C VAL A 822 -40.40 28.20 42.12
N GLY A 823 -39.86 27.13 42.70
CA GLY A 823 -40.30 25.79 42.36
C GLY A 823 -41.80 25.67 42.59
N LYS A 824 -42.28 26.23 43.71
CA LYS A 824 -43.70 26.20 44.03
C LYS A 824 -44.49 26.89 42.90
N ALA A 825 -43.98 28.01 42.41
CA ALA A 825 -44.69 28.63 41.30
C ALA A 825 -44.70 27.72 40.07
N VAL A 826 -43.58 27.02 39.81
CA VAL A 826 -43.54 26.07 38.69
C VAL A 826 -44.54 24.93 38.86
N ASP A 827 -44.66 24.33 40.05
CA ASP A 827 -45.61 23.22 40.14
C ASP A 827 -47.01 23.75 39.88
N GLU A 828 -47.34 24.94 40.40
CA GLU A 828 -48.67 25.47 40.17
C GLU A 828 -48.94 25.68 38.67
N ILE A 829 -47.97 26.25 37.93
CA ILE A 829 -48.17 26.39 36.48
C ILE A 829 -48.39 25.01 35.85
N SER A 830 -47.56 24.04 36.23
CA SER A 830 -47.70 22.69 35.69
C SER A 830 -49.07 22.09 36.02
N ARG A 831 -49.64 22.45 37.17
CA ARG A 831 -50.95 21.94 37.59
C ARG A 831 -52.03 22.59 36.73
N ARG A 832 -51.74 23.79 36.22
CA ARG A 832 -52.62 24.60 35.38
C ARG A 832 -52.59 24.23 33.90
N PHE A 833 -51.79 23.27 33.44
CA PHE A 833 -51.76 22.97 31.99
C PHE A 833 -51.63 21.53 31.54
N PRO A 834 -52.62 20.68 31.83
CA PRO A 834 -52.49 19.24 31.54
C PRO A 834 -52.27 19.11 30.04
N ASP A 835 -51.65 18.00 29.62
CA ASP A 835 -51.31 17.73 28.22
C ASP A 835 -50.36 18.79 27.65
N GLY A 836 -49.93 19.76 28.47
CA GLY A 836 -48.92 20.73 28.08
C GLY A 836 -47.62 20.38 28.77
N ILE A 837 -46.82 21.36 29.21
CA ILE A 837 -46.98 22.80 28.98
C ILE A 837 -46.55 23.16 27.55
N PRO A 838 -47.36 23.94 26.85
CA PRO A 838 -47.09 24.22 25.42
C PRO A 838 -45.74 24.89 25.23
N ILE A 839 -45.04 24.47 24.17
CA ILE A 839 -43.67 24.90 23.95
C ILE A 839 -43.52 25.89 22.80
N LEU A 840 -42.41 26.65 22.86
CA LEU A 840 -41.95 27.55 21.80
C LEU A 840 -41.51 26.81 20.55
N ASP A 841 -42.06 27.17 19.37
CA ASP A 841 -41.44 26.51 18.23
C ASP A 841 -40.05 27.10 18.01
N PRO A 842 -38.94 26.36 18.17
CA PRO A 842 -37.62 27.00 18.04
C PRO A 842 -37.24 27.45 16.64
N MET A 843 -37.80 26.80 15.62
CA MET A 843 -37.46 27.07 14.23
C MET A 843 -38.38 28.05 13.55
N GLU A 844 -39.55 28.31 14.12
CA GLU A 844 -40.53 29.11 13.42
C GLU A 844 -40.03 30.55 13.50
N ASN A 845 -39.71 31.13 12.34
CA ASN A 845 -39.16 32.48 12.23
C ASN A 845 -37.72 32.43 12.71
N MET A 846 -36.78 32.37 11.78
CA MET A 846 -35.36 32.19 12.08
C MET A 846 -35.10 30.94 12.91
N ASP A 850 -41.22 27.01 6.48
CA ASP A 850 -41.23 26.21 7.70
C ASP A 850 -42.67 26.01 8.21
N ASP A 851 -42.92 24.96 9.01
CA ASP A 851 -41.89 24.04 9.49
C ASP A 851 -42.00 22.57 9.07
N SER A 852 -41.21 22.21 8.07
CA SER A 852 -41.18 20.88 7.47
C SER A 852 -40.67 19.85 8.47
N PHE A 853 -39.75 20.29 9.33
CA PHE A 853 -39.10 19.49 10.35
C PHE A 853 -40.10 18.97 11.38
N LYS A 854 -41.16 19.73 11.68
CA LYS A 854 -42.11 19.32 12.70
C LYS A 854 -42.80 18.03 12.25
N LYS A 855 -43.08 17.91 10.96
CA LYS A 855 -43.77 16.71 10.50
C LYS A 855 -42.79 15.55 10.53
N LEU A 856 -41.49 15.84 10.53
CA LEU A 856 -40.44 14.87 10.81
C LEU A 856 -40.01 14.96 12.27
N LEU A 857 -40.95 15.26 13.17
CA LEU A 857 -40.68 15.38 14.60
C LEU A 857 -41.70 14.68 15.49
N ARG A 858 -42.95 14.60 15.05
CA ARG A 858 -44.01 14.00 15.86
C ARG A 858 -43.85 12.48 15.88
N LYS A 859 -43.38 11.92 14.77
CA LYS A 859 -43.10 10.50 14.65
C LYS A 859 -42.10 10.02 15.70
N ILE A 860 -41.04 10.79 16.00
CA ILE A 860 -40.09 10.34 17.02
C ILE A 860 -40.83 10.11 18.34
N GLU A 861 -41.82 10.95 18.61
CA GLU A 861 -42.57 10.84 19.86
C GLU A 861 -43.44 9.60 19.77
N VAL A 862 -44.07 9.42 18.61
CA VAL A 862 -44.91 8.25 18.35
C VAL A 862 -44.11 7.00 18.64
N LEU A 863 -42.86 6.94 18.16
CA LEU A 863 -42.05 5.74 18.36
C LEU A 863 -41.74 5.59 19.83
N GLU A 864 -41.73 6.70 20.58
CA GLU A 864 -41.44 6.61 22.00
C GLU A 864 -42.64 5.95 22.68
N SER A 865 -43.82 6.18 22.11
CA SER A 865 -45.04 5.58 22.61
C SER A 865 -45.06 4.11 22.19
N ARG A 866 -44.62 3.81 20.98
CA ARG A 866 -44.47 2.42 20.58
C ARG A 866 -43.59 1.71 21.60
N LEU A 867 -42.52 2.37 22.04
CA LEU A 867 -41.66 1.75 23.05
C LEU A 867 -42.42 1.48 24.35
N VAL A 868 -43.18 2.46 24.85
CA VAL A 868 -43.84 2.18 26.13
C VAL A 868 -44.89 1.10 25.94
N ALA A 869 -45.43 0.98 24.73
CA ALA A 869 -46.43 -0.03 24.39
C ALA A 869 -45.82 -1.42 24.34
N ASN A 870 -44.55 -1.53 24.01
CA ASN A 870 -43.94 -2.84 23.91
C ASN A 870 -43.88 -3.56 25.25
N PRO A 871 -44.48 -4.75 25.36
CA PRO A 871 -44.49 -5.50 26.62
C PRO A 871 -43.10 -5.59 27.21
N LEU A 872 -42.11 -5.66 26.32
CA LEU A 872 -40.72 -5.93 26.67
C LEU A 872 -40.18 -4.83 27.59
N HIS A 873 -40.62 -3.58 27.36
CA HIS A 873 -40.02 -2.41 28.00
C HIS A 873 -39.97 -2.59 29.51
N ASN A 874 -40.92 -3.33 30.06
CA ASN A 874 -40.92 -3.57 31.50
C ASN A 874 -40.05 -4.76 31.86
N SER A 875 -39.97 -5.82 31.04
CA SER A 875 -39.36 -6.97 31.64
C SER A 875 -37.92 -6.61 32.03
N PRO A 876 -37.26 -7.43 32.84
CA PRO A 876 -35.93 -7.03 33.30
C PRO A 876 -34.84 -7.65 32.44
N LEU A 877 -35.20 -8.81 31.85
CA LEU A 877 -34.30 -9.52 30.96
C LEU A 877 -33.90 -8.53 29.90
N LEU A 878 -34.87 -8.08 29.08
CA LEU A 878 -34.59 -6.97 28.17
C LEU A 878 -33.21 -7.09 27.55
N VAL A 879 -32.24 -6.37 28.14
CA VAL A 879 -30.89 -6.23 27.63
C VAL A 879 -30.30 -7.61 27.31
N GLU A 880 -30.70 -8.66 28.04
CA GLU A 880 -30.26 -9.99 27.71
C GLU A 880 -30.73 -10.37 26.31
N LEU A 881 -32.04 -10.22 26.05
CA LEU A 881 -32.63 -10.59 24.77
C LEU A 881 -32.12 -9.69 23.67
N TRP A 882 -31.84 -8.43 24.00
CA TRP A 882 -31.38 -7.50 22.98
C TRP A 882 -29.97 -7.90 22.55
N ASN A 883 -29.05 -8.03 23.51
CA ASN A 883 -27.68 -8.43 23.16
C ASN A 883 -27.69 -9.76 22.41
N GLN A 884 -28.67 -10.63 22.70
CA GLN A 884 -28.80 -11.87 21.96
C GLN A 884 -29.19 -11.58 20.51
N TYR A 885 -30.22 -10.74 20.31
CA TYR A 885 -30.63 -10.35 18.96
C TYR A 885 -29.43 -9.80 18.19
N SER A 886 -28.66 -8.93 18.84
CA SER A 886 -27.48 -8.36 18.20
C SER A 886 -26.56 -9.49 17.80
N LEU A 887 -26.35 -10.45 18.70
CA LEU A 887 -25.39 -11.51 18.40
C LEU A 887 -25.86 -12.26 17.17
N LYS A 888 -27.17 -12.57 17.10
CA LYS A 888 -27.68 -13.34 15.98
C LYS A 888 -27.43 -12.58 14.68
N MET A 889 -27.72 -11.27 14.69
CA MET A 889 -27.62 -10.49 13.46
C MET A 889 -26.16 -10.40 13.01
N GLN A 890 -25.27 -10.11 13.97
CA GLN A 890 -23.84 -10.12 13.72
C GLN A 890 -23.40 -11.46 13.14
N LEU A 891 -23.75 -12.55 13.83
CA LEU A 891 -23.36 -13.89 13.38
C LEU A 891 -23.85 -14.16 11.96
N GLY A 892 -25.07 -13.73 11.64
CA GLY A 892 -25.55 -13.89 10.28
C GLY A 892 -24.67 -13.15 9.29
N GLU A 893 -24.24 -11.93 9.66
CA GLU A 893 -23.41 -11.14 8.76
C GLU A 893 -22.07 -11.85 8.58
N GLN A 894 -21.44 -12.21 9.70
CA GLN A 894 -20.17 -12.94 9.69
C GLN A 894 -20.26 -14.19 8.84
N ILE A 895 -21.34 -14.97 9.01
CA ILE A 895 -21.53 -16.20 8.23
C ILE A 895 -21.54 -15.87 6.74
N LYS A 896 -22.34 -14.89 6.34
CA LYS A 896 -22.40 -14.55 4.91
C LYS A 896 -20.99 -14.23 4.41
N GLU A 897 -20.24 -13.50 5.23
CA GLU A 897 -18.88 -13.11 4.87
C GLU A 897 -18.01 -14.35 4.76
N LYS A 898 -18.13 -15.28 5.70
CA LYS A 898 -17.31 -16.48 5.64
C LYS A 898 -17.65 -17.29 4.38
N LYS A 899 -18.94 -17.40 4.04
CA LYS A 899 -19.27 -18.14 2.82
C LYS A 899 -18.61 -17.47 1.63
N LYS A 900 -18.39 -16.16 1.73
CA LYS A 900 -17.77 -15.42 0.63
C LYS A 900 -16.28 -15.72 0.62
N ALA A 901 -15.62 -15.53 1.76
CA ALA A 901 -14.21 -15.87 1.90
C ALA A 901 -13.95 -17.27 1.35
N ILE A 902 -14.85 -18.22 1.66
CA ILE A 902 -14.71 -19.58 1.13
C ILE A 902 -14.82 -19.52 -0.38
N ALA A 903 -15.73 -18.69 -0.90
CA ALA A 903 -15.90 -18.63 -2.35
C ALA A 903 -14.63 -18.09 -2.99
N ARG A 904 -13.94 -17.16 -2.32
CA ARG A 904 -12.74 -16.56 -2.90
C ARG A 904 -11.51 -17.33 -2.45
N ALA A 905 -11.73 -18.44 -1.76
CA ALA A 905 -10.70 -19.40 -1.40
C ALA A 905 -10.82 -20.60 -2.32
N HIS A 906 -11.86 -20.60 -3.13
CA HIS A 906 -12.21 -21.63 -4.09
C HIS A 906 -11.78 -21.08 -5.45
N SER A 907 -11.31 -21.97 -6.32
CA SER A 907 -10.82 -21.53 -7.61
C SER A 907 -11.90 -20.83 -8.45
N VAL A 908 -13.18 -21.06 -8.13
CA VAL A 908 -14.27 -20.58 -8.96
C VAL A 908 -14.36 -19.05 -9.03
N ALA A 909 -14.02 -18.32 -7.95
CA ALA A 909 -13.99 -16.86 -8.05
C ALA A 909 -13.21 -16.40 -9.28
N GLN A 910 -11.91 -16.70 -9.27
CA GLN A 910 -11.01 -16.41 -10.38
C GLN A 910 -11.55 -17.04 -11.67
N LEU A 911 -12.28 -18.16 -11.55
CA LEU A 911 -12.82 -18.83 -12.71
C LEU A 911 -13.96 -18.00 -13.30
N ASP A 912 -14.69 -17.29 -12.45
CA ASP A 912 -15.71 -16.37 -12.93
C ASP A 912 -15.02 -15.28 -13.74
N GLU A 913 -14.03 -14.63 -13.14
CA GLU A 913 -13.22 -13.67 -13.91
C GLU A 913 -12.84 -14.26 -15.28
N LEU A 914 -12.49 -15.55 -15.29
CA LEU A 914 -12.04 -16.22 -16.52
C LEU A 914 -13.17 -16.37 -17.53
N LYS A 915 -14.35 -16.82 -17.08
CA LYS A 915 -15.47 -17.05 -17.99
C LYS A 915 -15.91 -15.72 -18.57
N SER A 916 -15.92 -14.69 -17.73
CA SER A 916 -16.22 -13.35 -18.19
C SER A 916 -15.26 -12.96 -19.31
N ARG A 917 -13.96 -13.03 -19.02
CA ARG A 917 -12.97 -12.64 -20.02
C ARG A 917 -13.11 -13.48 -21.28
N LYS A 918 -13.65 -14.69 -21.16
CA LYS A 918 -13.86 -15.50 -22.36
C LYS A 918 -15.00 -14.91 -23.17
N ARG A 919 -16.07 -14.48 -22.50
CA ARG A 919 -17.14 -13.78 -23.19
C ARG A 919 -16.57 -12.64 -23.99
N VAL A 920 -15.78 -11.79 -23.30
CA VAL A 920 -15.11 -10.64 -23.92
C VAL A 920 -14.35 -11.08 -25.18
N LEU A 921 -13.55 -12.13 -25.07
CA LEU A 921 -12.74 -12.51 -26.22
C LEU A 921 -13.59 -13.03 -27.37
N ARG A 922 -14.70 -13.68 -27.10
CA ARG A 922 -15.57 -14.10 -28.20
C ARG A 922 -16.25 -12.88 -28.84
N ARG A 923 -16.94 -12.08 -28.02
CA ARG A 923 -17.68 -10.91 -28.50
C ARG A 923 -16.80 -9.93 -29.29
N LEU A 924 -15.52 -9.80 -28.92
CA LEU A 924 -14.66 -8.84 -29.59
C LEU A 924 -14.04 -9.41 -30.87
N GLY A 925 -14.09 -10.71 -31.05
CA GLY A 925 -13.57 -11.34 -32.24
C GLY A 925 -12.12 -11.76 -32.19
N PHE A 926 -11.55 -12.00 -31.01
CA PHE A 926 -10.16 -12.44 -31.00
C PHE A 926 -10.05 -13.93 -31.18
N ILE A 927 -11.04 -14.70 -30.69
CA ILE A 927 -11.08 -16.14 -30.93
C ILE A 927 -12.53 -16.55 -31.15
N ASN A 928 -12.70 -17.67 -31.85
CA ASN A 928 -13.99 -18.26 -32.15
C ASN A 928 -14.63 -18.87 -30.91
N ASP A 929 -15.92 -19.20 -31.05
CA ASP A 929 -16.64 -19.95 -30.03
C ASP A 929 -16.04 -21.34 -29.79
N ALA A 930 -15.29 -21.88 -30.76
CA ALA A 930 -14.68 -23.20 -30.56
C ALA A 930 -13.36 -23.13 -29.80
N GLU A 931 -13.04 -21.99 -29.20
CA GLU A 931 -11.80 -21.78 -28.45
C GLU A 931 -10.54 -22.03 -29.26
N VAL A 932 -10.47 -21.53 -30.49
CA VAL A 932 -9.23 -21.56 -31.27
C VAL A 932 -8.72 -20.15 -31.52
N VAL A 933 -7.42 -19.92 -31.27
CA VAL A 933 -6.88 -18.57 -31.33
C VAL A 933 -6.89 -18.11 -32.78
N GLN A 934 -7.23 -16.85 -33.01
CA GLN A 934 -7.19 -16.29 -34.35
C GLN A 934 -5.89 -15.54 -34.59
N MET A 935 -5.76 -14.98 -35.79
CA MET A 935 -4.59 -14.16 -36.10
C MET A 935 -4.55 -12.92 -35.21
N LYS A 936 -5.72 -12.36 -34.89
CA LYS A 936 -5.74 -11.17 -34.04
C LYS A 936 -5.32 -11.53 -32.63
N ALA A 937 -5.67 -12.72 -32.16
CA ALA A 937 -5.24 -13.14 -30.84
C ALA A 937 -3.73 -13.32 -30.86
N ARG A 938 -3.22 -13.88 -31.95
CA ARG A 938 -1.79 -14.18 -32.04
C ARG A 938 -0.99 -12.89 -32.02
N VAL A 939 -1.49 -11.84 -32.68
CA VAL A 939 -0.77 -10.56 -32.66
C VAL A 939 -0.92 -9.90 -31.29
N ALA A 940 -2.10 -10.04 -30.68
CA ALA A 940 -2.34 -9.42 -29.37
C ALA A 940 -1.41 -10.04 -28.33
N CYS A 941 -1.03 -11.29 -28.56
CA CYS A 941 -0.09 -12.03 -27.72
C CYS A 941 1.20 -11.26 -27.52
N GLU A 942 1.66 -10.55 -28.56
CA GLU A 942 3.01 -9.98 -28.57
C GLU A 942 3.07 -8.57 -27.99
N ILE A 943 2.11 -8.19 -27.16
CA ILE A 943 2.07 -6.88 -26.52
C ILE A 943 2.05 -7.18 -25.02
N SER A 944 3.14 -6.84 -24.32
CA SER A 944 3.24 -7.19 -22.90
C SER A 944 3.45 -5.89 -22.12
N SER A 945 2.47 -5.54 -21.30
CA SER A 945 2.46 -4.27 -20.59
C SER A 945 1.66 -4.46 -19.31
N THR A 946 2.10 -3.79 -18.26
CA THR A 946 1.39 -3.83 -16.98
C THR A 946 0.02 -3.19 -17.16
N GLU A 947 -1.01 -4.03 -17.26
CA GLU A 947 -2.40 -3.58 -17.39
C GLU A 947 -2.67 -2.89 -18.72
N GLY A 948 -1.62 -2.40 -19.37
CA GLY A 948 -1.72 -1.51 -20.52
C GLY A 948 -2.62 -1.90 -21.68
N HIS A 949 -3.84 -2.31 -21.38
CA HIS A 949 -4.86 -2.65 -22.37
C HIS A 949 -4.50 -3.83 -23.28
N GLU A 950 -3.26 -3.90 -23.77
CA GLU A 950 -2.74 -4.84 -24.80
C GLU A 950 -3.73 -5.31 -25.86
N LEU A 951 -5.02 -5.39 -25.52
CA LEU A 951 -6.10 -5.72 -26.45
C LEU A 951 -6.28 -4.60 -27.47
N LEU A 952 -6.64 -3.43 -26.95
CA LEU A 952 -7.01 -2.24 -27.72
C LEU A 952 -5.98 -1.94 -28.80
N LEU A 953 -4.69 -2.10 -28.51
CA LEU A 953 -3.72 -1.79 -29.56
C LEU A 953 -3.93 -2.73 -30.75
N ALA A 954 -4.22 -4.02 -30.47
CA ALA A 954 -4.40 -4.98 -31.55
C ALA A 954 -5.65 -4.61 -32.35
N GLU A 955 -6.78 -4.47 -31.64
CA GLU A 955 -8.01 -4.00 -32.27
C GLU A 955 -7.73 -2.79 -33.14
N LEU A 956 -7.03 -1.80 -32.58
CA LEU A 956 -6.68 -0.60 -33.32
C LEU A 956 -6.02 -0.99 -34.64
N LEU A 957 -5.09 -1.95 -34.60
CA LEU A 957 -4.34 -2.27 -35.81
C LEU A 957 -5.28 -2.84 -36.86
N PHE A 958 -6.18 -3.76 -36.46
CA PHE A 958 -6.95 -4.43 -37.50
C PHE A 958 -8.06 -3.51 -38.00
N ASN A 959 -8.49 -2.59 -37.13
CA ASN A 959 -9.45 -1.53 -37.38
C ASN A 959 -8.83 -0.39 -38.18
N ARG A 960 -7.49 -0.39 -38.29
CA ARG A 960 -6.62 0.50 -39.07
C ARG A 960 -6.06 1.55 -38.10
N PHE A 961 -6.67 2.73 -38.07
CA PHE A 961 -6.26 3.84 -37.21
C PHE A 961 -4.76 4.06 -37.04
N PHE A 962 -3.94 3.63 -38.00
CA PHE A 962 -2.50 3.77 -37.89
C PHE A 962 -1.92 3.80 -39.29
N ASN A 963 -2.78 3.50 -40.27
CA ASN A 963 -2.36 3.32 -41.66
C ASN A 963 -1.68 4.58 -42.20
N GLU A 964 -2.24 5.75 -41.91
CA GLU A 964 -1.85 7.00 -42.54
C GLU A 964 -1.02 7.91 -41.64
N LEU A 965 -0.73 7.50 -40.41
CA LEU A 965 0.10 8.31 -39.53
C LEU A 965 1.57 8.16 -39.92
N SER A 966 2.30 9.28 -39.90
CA SER A 966 3.75 9.22 -39.95
C SER A 966 4.34 8.55 -38.70
N PRO A 967 5.58 8.06 -38.79
CA PRO A 967 6.18 7.42 -37.60
C PRO A 967 6.28 8.33 -36.38
N GLU A 968 6.73 9.57 -36.56
CA GLU A 968 6.87 10.48 -35.42
C GLU A 968 5.54 10.76 -34.73
N ILE A 969 4.45 10.83 -35.50
CA ILE A 969 3.10 10.94 -34.93
C ILE A 969 2.77 9.69 -34.13
N CYS A 970 3.10 8.52 -34.71
CA CYS A 970 2.78 7.24 -34.11
C CYS A 970 3.46 7.07 -32.76
N ALA A 971 4.75 7.42 -32.68
CA ALA A 971 5.45 7.48 -31.41
C ALA A 971 4.60 8.16 -30.34
N CYS A 972 4.19 9.41 -30.59
CA CYS A 972 3.44 10.18 -29.60
C CYS A 972 2.17 9.44 -29.19
N ILE A 973 1.43 8.94 -30.18
CA ILE A 973 0.21 8.21 -29.85
C ILE A 973 0.56 7.03 -28.95
N LEU A 974 1.63 6.30 -29.25
CA LEU A 974 1.93 5.16 -28.40
C LEU A 974 2.34 5.63 -27.01
N SER A 975 2.87 6.86 -26.91
CA SER A 975 3.27 7.44 -25.64
C SER A 975 2.04 7.67 -24.76
N CYS A 976 0.88 7.79 -25.40
CA CYS A 976 -0.42 7.97 -24.75
C CYS A 976 -0.89 6.81 -23.88
N PHE A 977 -0.14 5.71 -23.83
CA PHE A 977 -0.56 4.59 -23.02
C PHE A 977 0.29 4.30 -21.79
N ILE A 978 1.55 4.73 -21.74
CA ILE A 978 2.38 4.31 -20.62
C ILE A 978 2.40 5.24 -19.41
N PHE A 979 2.04 6.51 -19.57
CA PHE A 979 2.16 7.48 -18.48
C PHE A 979 0.91 7.54 -17.59
N ASP A 980 1.10 7.17 -16.30
CA ASP A 980 0.04 7.07 -15.31
C ASP A 980 0.34 8.06 -14.18
N GLU A 981 1.18 9.04 -14.50
CA GLU A 981 1.85 10.02 -13.68
C GLU A 981 1.20 11.35 -14.02
N LYS A 982 1.47 12.40 -13.26
CA LYS A 982 0.82 13.65 -13.59
C LYS A 982 1.74 14.71 -14.15
N ILE A 983 1.17 15.43 -15.11
CA ILE A 983 1.78 16.40 -15.99
C ILE A 983 0.70 17.46 -16.16
N GLU A 984 1.07 18.64 -16.64
CA GLU A 984 0.05 19.68 -16.68
C GLU A 984 0.24 20.62 -17.87
N THR A 985 -0.86 21.34 -18.15
CA THR A 985 -0.87 22.74 -18.58
C THR A 985 -1.04 22.98 -20.08
N GLN A 986 -1.12 21.93 -20.90
CA GLN A 986 -1.16 22.16 -22.33
C GLN A 986 -2.53 21.89 -22.95
N ALA A 987 -2.79 22.62 -24.03
CA ALA A 987 -3.95 22.37 -24.89
C ALA A 987 -3.54 21.40 -26.00
N LEU A 988 -4.53 20.95 -26.75
CA LEU A 988 -4.35 19.88 -27.72
C LEU A 988 -4.80 20.55 -29.01
N LYS A 989 -4.01 20.45 -30.07
CA LYS A 989 -4.58 20.93 -31.33
C LYS A 989 -5.63 19.96 -31.86
N GLU A 990 -6.43 20.43 -32.83
CA GLU A 990 -7.53 19.58 -33.26
C GLU A 990 -6.98 18.34 -33.95
N GLU A 991 -5.89 18.53 -34.70
CA GLU A 991 -5.22 17.50 -35.50
C GLU A 991 -4.53 16.48 -34.61
N LEU A 992 -4.54 16.73 -33.31
CA LEU A 992 -4.12 15.81 -32.27
C LEU A 992 -5.25 15.43 -31.33
N ALA A 993 -6.20 16.35 -31.09
CA ALA A 993 -7.26 16.08 -30.14
C ALA A 993 -8.19 15.01 -30.70
N LYS A 994 -8.36 15.01 -32.02
CA LYS A 994 -9.27 14.06 -32.67
C LYS A 994 -8.76 12.62 -32.62
N PRO A 995 -7.53 12.29 -33.04
CA PRO A 995 -7.10 10.89 -32.89
C PRO A 995 -7.18 10.39 -31.46
N PHE A 996 -6.83 11.25 -30.49
CA PHE A 996 -6.98 10.89 -29.09
C PHE A 996 -8.44 10.56 -28.78
N ARG A 997 -9.35 11.37 -29.30
CA ARG A 997 -10.76 11.15 -29.03
C ARG A 997 -11.19 9.82 -29.62
N GLU A 998 -10.80 9.54 -30.87
CA GLU A 998 -11.17 8.30 -31.53
C GLU A 998 -10.68 7.09 -30.72
N ILE A 999 -9.47 7.18 -30.16
CA ILE A 999 -8.97 6.05 -29.40
C ILE A 999 -9.74 5.94 -28.09
N GLN A 1000 -10.11 7.09 -27.50
CA GLN A 1000 -10.89 7.05 -26.27
C GLN A 1000 -12.26 6.42 -26.56
N ALA A 1001 -12.76 6.61 -27.78
CA ALA A 1001 -14.01 6.00 -28.22
C ALA A 1001 -13.87 4.49 -28.24
N GLN A 1002 -12.76 4.01 -28.80
CA GLN A 1002 -12.51 2.58 -28.84
C GLN A 1002 -12.43 2.05 -27.41
N ALA A 1003 -11.71 2.75 -26.55
CA ALA A 1003 -11.67 2.37 -25.15
C ALA A 1003 -13.08 2.23 -24.61
N ARG A 1004 -13.96 3.18 -24.96
CA ARG A 1004 -15.35 3.13 -24.49
C ARG A 1004 -16.07 1.85 -24.93
N ILE A 1005 -16.02 1.51 -26.23
CA ILE A 1005 -16.67 0.27 -26.66
C ILE A 1005 -16.11 -0.93 -25.89
N ILE A 1006 -14.80 -0.91 -25.62
CA ILE A 1006 -14.20 -2.05 -24.92
C ILE A 1006 -14.67 -2.11 -23.48
N ALA A 1007 -14.65 -0.99 -22.76
CA ALA A 1007 -15.14 -1.02 -21.39
C ALA A 1007 -16.61 -1.41 -21.36
N LYS A 1008 -17.34 -1.10 -22.44
CA LYS A 1008 -18.73 -1.52 -22.57
C LYS A 1008 -18.81 -3.04 -22.51
N VAL A 1009 -18.30 -3.71 -23.57
CA VAL A 1009 -18.30 -5.17 -23.60
C VAL A 1009 -17.75 -5.78 -22.31
N SER A 1010 -16.79 -5.09 -21.69
CA SER A 1010 -16.25 -5.55 -20.41
C SER A 1010 -17.34 -5.58 -19.34
N ALA A 1011 -18.10 -4.50 -19.19
CA ALA A 1011 -19.19 -4.53 -18.22
C ALA A 1011 -20.23 -5.57 -18.62
N GLU A 1012 -20.54 -5.61 -19.92
CA GLU A 1012 -21.46 -6.59 -20.49
C GLU A 1012 -21.12 -8.02 -20.08
N SER A 1013 -19.86 -8.28 -19.77
CA SER A 1013 -19.39 -9.62 -19.41
C SER A 1013 -19.01 -9.69 -17.93
N LYS A 1014 -19.78 -8.98 -17.10
CA LYS A 1014 -19.76 -9.11 -15.64
C LYS A 1014 -18.37 -8.93 -15.03
N LEU A 1015 -17.55 -8.07 -15.64
CA LEU A 1015 -16.23 -7.76 -15.12
C LEU A 1015 -16.35 -6.53 -14.24
N ASP A 1016 -15.62 -6.53 -13.12
CA ASP A 1016 -15.72 -5.44 -12.17
C ASP A 1016 -15.08 -4.16 -12.71
N VAL A 1017 -14.88 -4.09 -14.02
CA VAL A 1017 -14.26 -2.94 -14.64
C VAL A 1017 -15.18 -1.74 -14.50
N ASN A 1018 -14.64 -0.63 -14.03
CA ASN A 1018 -15.41 0.61 -13.92
C ASN A 1018 -15.24 1.34 -15.25
N GLU A 1019 -16.27 1.20 -16.11
CA GLU A 1019 -16.18 1.59 -17.51
C GLU A 1019 -15.58 2.96 -17.73
N ASP A 1020 -15.73 3.87 -16.77
CA ASP A 1020 -15.21 5.21 -17.00
C ASP A 1020 -13.72 5.30 -16.71
N GLU A 1021 -13.26 4.67 -15.63
CA GLU A 1021 -11.84 4.76 -15.27
C GLU A 1021 -10.94 4.13 -16.32
N TYR A 1022 -11.43 3.09 -17.01
CA TYR A 1022 -10.64 2.45 -18.05
C TYR A 1022 -10.43 3.44 -19.18
N VAL A 1023 -11.53 3.81 -19.84
CA VAL A 1023 -11.58 4.82 -20.90
C VAL A 1023 -10.74 6.04 -20.55
N GLN A 1024 -10.83 6.49 -19.30
CA GLN A 1024 -10.17 7.73 -18.89
C GLN A 1024 -8.73 7.50 -18.51
N SER A 1025 -8.29 6.24 -18.44
CA SER A 1025 -6.93 5.96 -18.03
C SER A 1025 -5.95 6.36 -19.12
N LEU A 1026 -6.40 6.47 -20.37
CA LEU A 1026 -5.50 6.92 -21.43
C LEU A 1026 -5.39 8.43 -21.49
N LYS A 1027 -4.36 8.90 -20.79
CA LYS A 1027 -4.09 10.30 -20.52
C LYS A 1027 -3.43 10.92 -21.76
N TRP A 1028 -3.86 12.12 -22.18
CA TRP A 1028 -3.35 12.61 -23.46
C TRP A 1028 -2.36 13.76 -23.31
N GLN A 1029 -2.17 14.27 -22.10
CA GLN A 1029 -1.42 15.51 -21.85
C GLN A 1029 0.06 15.47 -22.26
N LEU A 1030 0.62 14.34 -22.69
CA LEU A 1030 2.04 14.28 -23.08
C LEU A 1030 2.25 13.99 -24.55
N MET A 1031 1.20 14.05 -25.36
CA MET A 1031 1.30 13.77 -26.79
C MET A 1031 2.29 14.70 -27.50
N GLU A 1032 2.28 15.98 -27.13
CA GLU A 1032 3.11 16.96 -27.81
C GLU A 1032 4.59 16.91 -27.43
N THR A 1033 4.93 16.57 -26.19
CA THR A 1033 6.34 16.44 -25.84
C THR A 1033 7.01 15.37 -26.70
N VAL A 1034 6.43 14.17 -26.70
CA VAL A 1034 6.98 13.05 -27.45
C VAL A 1034 6.96 13.35 -28.93
N LEU A 1035 5.84 13.90 -29.43
CA LEU A 1035 5.73 14.30 -30.83
C LEU A 1035 6.91 15.18 -31.26
N ALA A 1036 7.19 16.23 -30.48
CA ALA A 1036 8.27 17.12 -30.91
C ALA A 1036 9.63 16.47 -30.72
N TRP A 1037 9.80 15.64 -29.68
CA TRP A 1037 11.04 14.89 -29.56
C TRP A 1037 11.29 14.05 -30.81
N ALA A 1038 10.23 13.36 -31.27
CA ALA A 1038 10.29 12.54 -32.47
C ALA A 1038 10.51 13.36 -33.74
N GLN A 1039 10.22 14.66 -33.72
CA GLN A 1039 10.46 15.48 -34.91
C GLN A 1039 11.79 16.24 -34.84
N GLY A 1040 12.58 16.04 -33.78
CA GLY A 1040 13.93 16.52 -33.71
C GLY A 1040 14.18 17.66 -32.74
N ARG A 1041 13.21 18.00 -31.90
CA ARG A 1041 13.42 18.97 -30.84
C ARG A 1041 14.55 18.49 -29.92
N PRO A 1042 15.32 19.39 -29.32
CA PRO A 1042 16.30 18.95 -28.34
C PRO A 1042 15.66 18.62 -27.00
N PHE A 1043 16.44 17.92 -26.17
CA PHE A 1043 15.96 17.50 -24.85
C PHE A 1043 15.59 18.66 -23.95
N SER A 1044 16.45 19.68 -23.86
CA SER A 1044 16.18 20.86 -23.04
C SER A 1044 14.79 21.43 -23.28
N GLU A 1045 14.45 21.63 -24.56
CA GLU A 1045 13.18 22.26 -24.90
C GLU A 1045 11.99 21.44 -24.42
N ILE A 1046 12.02 20.12 -24.66
CA ILE A 1046 10.87 19.33 -24.22
C ILE A 1046 10.83 19.21 -22.71
N CYS A 1047 12.00 19.23 -22.05
CA CYS A 1047 12.00 19.28 -20.59
C CYS A 1047 11.34 20.56 -20.11
N LYS A 1048 11.42 21.62 -20.91
CA LYS A 1048 10.84 22.90 -20.58
C LYS A 1048 9.33 22.88 -20.78
N MET A 1049 8.85 21.99 -21.65
CA MET A 1049 7.44 21.87 -22.01
C MET A 1049 6.64 21.04 -21.01
N THR A 1050 7.19 20.68 -19.86
CA THR A 1050 6.42 19.95 -18.86
C THR A 1050 7.11 20.01 -17.51
N ASN A 1051 6.32 19.73 -16.46
CA ASN A 1051 6.77 19.70 -15.07
C ASN A 1051 7.17 18.30 -14.64
N VAL A 1052 6.91 17.29 -15.49
CA VAL A 1052 7.33 15.92 -15.22
C VAL A 1052 8.83 15.85 -15.05
N TYR A 1053 9.26 15.00 -14.11
CA TYR A 1053 10.68 14.94 -13.78
C TYR A 1053 11.45 14.38 -14.97
N GLU A 1054 12.72 14.79 -15.08
CA GLU A 1054 13.56 14.35 -16.18
C GLU A 1054 13.67 12.83 -16.22
N GLY A 1055 14.05 12.24 -15.09
CA GLY A 1055 14.16 10.79 -15.01
C GLY A 1055 12.88 10.08 -15.39
N SER A 1056 11.73 10.60 -14.95
CA SER A 1056 10.48 9.98 -15.34
C SER A 1056 10.31 10.05 -16.85
N LEU A 1057 10.74 11.17 -17.45
CA LEU A 1057 10.62 11.31 -18.90
C LEU A 1057 11.43 10.24 -19.62
N ILE A 1058 12.70 10.08 -19.23
CA ILE A 1058 13.54 9.07 -19.87
C ILE A 1058 12.99 7.68 -19.61
N ARG A 1059 12.39 7.46 -18.44
CA ARG A 1059 11.79 6.15 -18.16
C ARG A 1059 10.66 5.89 -19.14
N LEU A 1060 9.83 6.91 -19.39
CA LEU A 1060 8.70 6.73 -20.28
C LEU A 1060 9.22 6.42 -21.68
N PHE A 1061 10.25 7.16 -22.11
CA PHE A 1061 10.85 6.86 -23.41
C PHE A 1061 11.34 5.42 -23.47
N ARG A 1062 11.91 4.91 -22.36
CA ARG A 1062 12.48 3.57 -22.38
C ARG A 1062 11.39 2.51 -22.50
N ARG A 1063 10.32 2.65 -21.72
CA ARG A 1063 9.17 1.76 -21.92
C ARG A 1063 8.65 1.89 -23.33
N LEU A 1064 8.64 3.11 -23.86
CA LEU A 1064 8.08 3.35 -25.18
C LEU A 1064 8.89 2.63 -26.26
N GLU A 1065 10.21 2.77 -26.25
CA GLU A 1065 11.08 2.00 -27.14
C GLU A 1065 10.77 0.50 -27.04
N GLU A 1066 10.72 -0.05 -25.82
CA GLU A 1066 10.47 -1.47 -25.66
C GLU A 1066 9.14 -1.84 -26.32
N LEU A 1067 8.11 -1.05 -25.99
CA LEU A 1067 6.77 -1.21 -26.55
C LEU A 1067 6.84 -1.23 -28.06
N LEU A 1068 7.60 -0.29 -28.62
CA LEU A 1068 7.68 -0.16 -30.07
C LEU A 1068 8.23 -1.44 -30.66
N ARG A 1069 9.31 -1.97 -30.07
CA ARG A 1069 9.83 -3.24 -30.57
C ARG A 1069 8.72 -4.29 -30.57
N GLN A 1070 7.89 -4.29 -29.52
CA GLN A 1070 6.76 -5.22 -29.48
C GLN A 1070 5.76 -4.97 -30.60
N MET A 1071 5.56 -3.70 -30.97
CA MET A 1071 4.59 -3.41 -32.02
C MET A 1071 5.14 -3.76 -33.40
N ALA A 1072 6.44 -3.56 -33.60
CA ALA A 1072 7.06 -4.01 -34.86
C ALA A 1072 6.84 -5.50 -34.98
N GLU A 1073 6.95 -6.19 -33.85
CA GLU A 1073 6.81 -7.64 -33.84
C GLU A 1073 5.39 -8.04 -34.25
N ALA A 1074 4.37 -7.42 -33.64
CA ALA A 1074 3.01 -7.86 -33.96
C ALA A 1074 2.63 -7.50 -35.38
N ALA A 1075 3.06 -6.32 -35.84
CA ALA A 1075 2.78 -5.94 -37.22
C ALA A 1075 3.38 -7.00 -38.14
N ARG A 1076 4.63 -7.36 -37.85
CA ARG A 1076 5.34 -8.38 -38.61
C ARG A 1076 4.52 -9.66 -38.67
N VAL A 1077 3.95 -10.07 -37.52
CA VAL A 1077 3.30 -11.36 -37.32
C VAL A 1077 1.85 -11.27 -37.77
N MET A 1078 1.50 -10.18 -38.46
CA MET A 1078 0.20 -10.08 -39.12
C MET A 1078 0.42 -9.65 -40.56
N GLY A 1079 1.68 -9.70 -41.00
CA GLY A 1079 2.20 -9.51 -42.34
C GLY A 1079 2.14 -8.10 -42.89
N SER A 1080 1.69 -7.13 -42.08
CA SER A 1080 1.72 -5.75 -42.54
C SER A 1080 3.19 -5.30 -42.50
N GLU A 1081 3.95 -5.71 -43.53
CA GLU A 1081 5.38 -5.42 -43.51
C GLU A 1081 5.63 -3.92 -43.43
N GLU A 1082 4.69 -3.14 -43.96
CA GLU A 1082 4.87 -1.69 -44.02
C GLU A 1082 4.73 -1.11 -42.63
N LEU A 1083 3.69 -1.52 -41.90
CA LEU A 1083 3.53 -1.05 -40.53
C LEU A 1083 4.78 -1.40 -39.73
N LYS A 1084 5.23 -2.66 -39.78
CA LYS A 1084 6.37 -3.10 -38.99
C LYS A 1084 7.59 -2.22 -39.25
N ASP A 1085 7.90 -1.99 -40.54
CA ASP A 1085 9.06 -1.17 -40.87
C ASP A 1085 8.84 0.25 -40.35
N LYS A 1086 7.61 0.74 -40.46
CA LYS A 1086 7.28 2.08 -39.95
C LYS A 1086 7.63 2.16 -38.47
N PHE A 1087 7.09 1.24 -37.66
CA PHE A 1087 7.43 1.23 -36.24
C PHE A 1087 8.94 1.20 -36.03
N GLU A 1088 9.66 0.45 -36.86
CA GLU A 1088 11.11 0.43 -36.70
C GLU A 1088 11.67 1.83 -36.94
N LEU A 1089 11.20 2.50 -38.01
CA LEU A 1089 11.68 3.85 -38.30
C LEU A 1089 11.38 4.77 -37.12
N SER A 1090 10.19 4.61 -36.53
CA SER A 1090 9.83 5.39 -35.35
C SER A 1090 10.88 5.16 -34.27
N LEU A 1091 11.18 3.89 -34.00
CA LEU A 1091 12.26 3.55 -33.07
C LEU A 1091 13.49 4.37 -33.40
N SER A 1092 13.81 4.51 -34.70
CA SER A 1092 15.02 5.22 -35.05
C SER A 1092 14.87 6.71 -34.73
N LYS A 1093 13.64 7.23 -34.76
CA LYS A 1093 13.48 8.64 -34.40
C LYS A 1093 13.60 8.80 -32.88
N ILE A 1094 12.99 7.88 -32.13
CA ILE A 1094 12.99 7.98 -30.67
C ILE A 1094 14.37 7.62 -30.14
N ARG A 1095 14.97 6.56 -30.68
CA ARG A 1095 16.12 5.89 -30.08
C ARG A 1095 17.35 6.66 -30.54
N ARG A 1096 17.61 7.77 -29.86
CA ARG A 1096 18.73 8.63 -30.22
C ARG A 1096 19.17 9.42 -29.01
N ASP A 1097 20.40 9.95 -29.10
CA ASP A 1097 21.01 10.79 -28.08
C ASP A 1097 20.83 10.18 -26.71
N ILE A 1098 20.48 11.01 -25.72
CA ILE A 1098 20.42 10.60 -24.33
C ILE A 1098 19.43 9.45 -24.11
N VAL A 1099 18.43 9.32 -24.99
CA VAL A 1099 17.41 8.26 -24.84
C VAL A 1099 17.98 6.90 -25.24
N SER A 1100 19.06 6.91 -26.00
CA SER A 1100 19.78 5.76 -26.52
C SER A 1100 21.04 5.53 -25.71
N PHE A 1101 21.13 6.19 -24.57
CA PHE A 1101 22.24 6.12 -23.64
C PHE A 1101 22.49 4.72 -23.09
N ASN A 1102 23.76 4.34 -23.11
CA ASN A 1102 24.19 3.07 -22.58
C ASN A 1102 24.36 3.20 -21.06
N SER A 1103 24.49 2.06 -20.38
CA SER A 1103 24.55 2.08 -18.92
C SER A 1103 26.01 2.23 -18.49
N LEU A 1104 26.23 2.95 -17.38
CA LEU A 1104 27.58 3.11 -16.86
C LEU A 1104 28.23 1.77 -16.53
N TYR A 1105 27.43 0.71 -16.39
CA TYR A 1105 27.90 -0.56 -15.90
C TYR A 1105 28.28 -1.51 -17.03
N LEU A 1106 27.97 -1.14 -18.28
CA LEU A 1106 27.97 -2.08 -19.39
C LEU A 1106 29.00 -1.66 -20.42
#